data_9OKX
# 
_entry.id   9OKX 
# 
_audit_conform.dict_name       mmcif_pdbx.dic 
_audit_conform.dict_version    5.407 
_audit_conform.dict_location   http://mmcif.pdb.org/dictionaries/ascii/mmcif_pdbx.dic 
# 
loop_
_database_2.database_id 
_database_2.database_code 
_database_2.pdbx_database_accession 
_database_2.pdbx_DOI 
PDB   9OKX         pdb_00009okx 10.2210/pdb9okx/pdb 
WWPDB D_1000295000 ?            ?                   
# 
loop_
_pdbx_audit_revision_history.ordinal 
_pdbx_audit_revision_history.data_content_type 
_pdbx_audit_revision_history.major_revision 
_pdbx_audit_revision_history.minor_revision 
_pdbx_audit_revision_history.revision_date 
_pdbx_audit_revision_history.part_number 
1 'Structure model' 1 0 2025-10-22 ? 
2 'Structure model' 1 1 2025-11-26 ? 
# 
_pdbx_audit_revision_details.ordinal             1 
_pdbx_audit_revision_details.revision_ordinal    1 
_pdbx_audit_revision_details.data_content_type   'Structure model' 
_pdbx_audit_revision_details.provider            repository 
_pdbx_audit_revision_details.type                'Initial release' 
_pdbx_audit_revision_details.description         ? 
_pdbx_audit_revision_details.details             ? 
# 
_pdbx_audit_revision_group.ordinal             1 
_pdbx_audit_revision_group.revision_ordinal    2 
_pdbx_audit_revision_group.data_content_type   'Structure model' 
_pdbx_audit_revision_group.group               'Database references' 
# 
loop_
_pdbx_audit_revision_category.ordinal 
_pdbx_audit_revision_category.revision_ordinal 
_pdbx_audit_revision_category.data_content_type 
_pdbx_audit_revision_category.category 
1 2 'Structure model' citation        
2 2 'Structure model' citation_author 
# 
_pdbx_database_status.status_code                     REL 
_pdbx_database_status.status_code_sf                  REL 
_pdbx_database_status.status_code_mr                  ? 
_pdbx_database_status.entry_id                        9OKX 
_pdbx_database_status.recvd_initial_deposition_date   2025-05-11 
_pdbx_database_status.SG_entry                        N 
_pdbx_database_status.deposit_site                    RCSB 
_pdbx_database_status.process_site                    RCSB 
_pdbx_database_status.status_code_cs                  ? 
_pdbx_database_status.status_code_nmr_data            ? 
_pdbx_database_status.methods_development_category    ? 
_pdbx_database_status.pdb_format_compatible           Y 
# 
_pdbx_contact_author.id                 2 
_pdbx_contact_author.email              jwszostak@uchicago.edu 
_pdbx_contact_author.name_first         Jack 
_pdbx_contact_author.name_last          Szostak 
_pdbx_contact_author.name_mi            W 
_pdbx_contact_author.role               'principal investigator/group leader' 
_pdbx_contact_author.identifier_ORCID   0000-0003-4131-1203 
# 
loop_
_audit_author.name 
_audit_author.pdbx_ordinal 
_audit_author.identifier_ORCID 
'Fang, Z.'      1 0000-0001-8679-6633 
'Szostak, J.W.' 2 0000-0003-4131-1203 
# 
loop_
_citation.abstract 
_citation.abstract_id_CAS 
_citation.book_id_ISBN 
_citation.book_publisher 
_citation.book_publisher_city 
_citation.book_title 
_citation.coordinate_linkage 
_citation.country 
_citation.database_id_Medline 
_citation.details 
_citation.id 
_citation.journal_abbrev 
_citation.journal_id_ASTM 
_citation.journal_id_CSD 
_citation.journal_id_ISSN 
_citation.journal_full 
_citation.journal_issue 
_citation.journal_volume 
_citation.language 
_citation.page_first 
_citation.page_last 
_citation.title 
_citation.year 
_citation.database_id_CSD 
_citation.pdbx_database_id_DOI 
_citation.pdbx_database_id_PubMed 
_citation.pdbx_database_id_patent 
_citation.unpublished_flag 
? ? ? ? ? ? ? UK ? ? primary 'Nucleic Acids Res.' NARHAD 0389 1362-4962 ? ? 53 ? ? ? 
;Impact of 2'-deoxyribo-purine substrates on nonenzymatic RNA template-directed primer extension.
;
2025 ? 10.1093/nar/gkaf1228      41261857 ? ? 
? ? ? ? ? ? ? US ? ? 1       Biorxiv              ?      ?    2692-8205 ? ? ?  ? ? ? 
;Impact of 2'-deoxyribo-purine substrates on nonenzymatic RNA template-directed primer extension.
;
2025 ? 10.1101/2025.08.29.673048 40909494 ? ? 
# 
loop_
_citation_author.citation_id 
_citation_author.name 
_citation_author.ordinal 
_citation_author.identifier_ORCID 
primary 'Fang, Z.'      1  0000-0001-8679-6633 
primary 'Acikgoz, O.'   2  ?                   
primary 'Jia, X.'       3  0000-0001-9094-9882 
primary 'Essex, J.'     4  ?                   
primary 'Wen, R.'       5  ?                   
primary 'Szostak, J.W.' 6  0000-0003-4131-1203 
1       'Fang, Z.'      7  0000-0001-8679-6633 
1       'Acikgoz, O.'   8  0009-0001-3296-1637 
1       'Jia, X.'       9  0000-0001-9094-9882 
1       'Essex, J.'     10 0009-0003-6281-4798 
1       'Wen, R.'       11 ?                   
1       'Szostak, J.W.' 12 0000-0003-4131-1203 
# 
loop_
_entity.id 
_entity.type 
_entity.src_method 
_entity.pdbx_description 
_entity.formula_weight 
_entity.pdbx_number_of_molecules 
_entity.pdbx_ec 
_entity.pdbx_mutation 
_entity.pdbx_fragment 
_entity.details 
1 polymer     syn 
;DNA/RNA (5'-R(*AP*GP*AP*GP*AP*A)-D(P*G)-R(P*AP*UP*CP*UP*UP*CP*UP*CP*U)-3')
;
5067.063 1   ? ? ? ? 
2 non-polymer syn 'CALCIUM ION'                                                                40.078   2   ? ? ? ? 
3 water       nat water                                                                        18.015   109 ? ? ? ? 
# 
_entity_poly.entity_id                      1 
_entity_poly.type                           'polydeoxyribonucleotide/polyribonucleotide hybrid' 
_entity_poly.nstd_linkage                   no 
_entity_poly.nstd_monomer                   no 
_entity_poly.pdbx_seq_one_letter_code       'AGAGAA(DG)AUCUUCUCU' 
_entity_poly.pdbx_seq_one_letter_code_can   AGAGAAGAUCUUCUCU 
_entity_poly.pdbx_strand_id                 A 
_entity_poly.pdbx_target_identifier         ? 
# 
loop_
_pdbx_entity_nonpoly.entity_id 
_pdbx_entity_nonpoly.name 
_pdbx_entity_nonpoly.comp_id 
2 'CALCIUM ION' CA  
3 water         HOH 
# 
loop_
_entity_poly_seq.entity_id 
_entity_poly_seq.num 
_entity_poly_seq.mon_id 
_entity_poly_seq.hetero 
1 1  A  n 
1 2  G  n 
1 3  A  n 
1 4  G  n 
1 5  A  n 
1 6  A  n 
1 7  DG n 
1 8  A  n 
1 9  U  n 
1 10 C  n 
1 11 U  n 
1 12 U  n 
1 13 C  n 
1 14 U  n 
1 15 C  n 
1 16 U  n 
# 
_pdbx_entity_src_syn.entity_id              1 
_pdbx_entity_src_syn.pdbx_src_id            1 
_pdbx_entity_src_syn.pdbx_alt_source_flag   sample 
_pdbx_entity_src_syn.pdbx_beg_seq_num       1 
_pdbx_entity_src_syn.pdbx_end_seq_num       16 
_pdbx_entity_src_syn.organism_scientific    'synthetic construct' 
_pdbx_entity_src_syn.organism_common_name   ? 
_pdbx_entity_src_syn.ncbi_taxonomy_id       32630 
_pdbx_entity_src_syn.details                ? 
# 
loop_
_chem_comp.id 
_chem_comp.type 
_chem_comp.mon_nstd_flag 
_chem_comp.name 
_chem_comp.pdbx_synonyms 
_chem_comp.formula 
_chem_comp.formula_weight 
A   'RNA linking' y "ADENOSINE-5'-MONOPHOSPHATE"         ? 'C10 H14 N5 O7 P' 347.221 
C   'RNA linking' y "CYTIDINE-5'-MONOPHOSPHATE"          ? 'C9 H14 N3 O8 P'  323.197 
CA  non-polymer   . 'CALCIUM ION'                        ? 'Ca 2'            40.078  
DG  'DNA linking' y "2'-DEOXYGUANOSINE-5'-MONOPHOSPHATE" ? 'C10 H14 N5 O7 P' 347.221 
G   'RNA linking' y "GUANOSINE-5'-MONOPHOSPHATE"         ? 'C10 H14 N5 O8 P' 363.221 
HOH non-polymer   . WATER                                ? 'H2 O'            18.015  
U   'RNA linking' y "URIDINE-5'-MONOPHOSPHATE"           ? 'C9 H13 N2 O9 P'  324.181 
# 
loop_
_pdbx_poly_seq_scheme.asym_id 
_pdbx_poly_seq_scheme.entity_id 
_pdbx_poly_seq_scheme.seq_id 
_pdbx_poly_seq_scheme.mon_id 
_pdbx_poly_seq_scheme.ndb_seq_num 
_pdbx_poly_seq_scheme.pdb_seq_num 
_pdbx_poly_seq_scheme.auth_seq_num 
_pdbx_poly_seq_scheme.pdb_mon_id 
_pdbx_poly_seq_scheme.auth_mon_id 
_pdbx_poly_seq_scheme.pdb_strand_id 
_pdbx_poly_seq_scheme.pdb_ins_code 
_pdbx_poly_seq_scheme.hetero 
A 1 1  A  1  1  1  A  A  A . n 
A 1 2  G  2  2  2  G  G  A . n 
A 1 3  A  3  3  3  A  A  A . n 
A 1 4  G  4  4  4  G  G  A . n 
A 1 5  A  5  5  5  A  A  A . n 
A 1 6  A  6  6  6  A  A  A . n 
A 1 7  DG 7  7  7  DG DG A . n 
A 1 8  A  8  8  8  A  A  A . n 
A 1 9  U  9  9  9  U  U  A . n 
A 1 10 C  10 10 10 C  C  A . n 
A 1 11 U  11 11 11 U  U  A . n 
A 1 12 U  12 12 12 U  U  A . n 
A 1 13 C  13 13 13 C  C  A . n 
A 1 14 U  14 14 14 U  U  A . n 
A 1 15 C  15 15 15 C  C  A . n 
A 1 16 U  16 16 16 U  U  A . n 
# 
loop_
_pdbx_nonpoly_scheme.asym_id 
_pdbx_nonpoly_scheme.entity_id 
_pdbx_nonpoly_scheme.mon_id 
_pdbx_nonpoly_scheme.ndb_seq_num 
_pdbx_nonpoly_scheme.pdb_seq_num 
_pdbx_nonpoly_scheme.auth_seq_num 
_pdbx_nonpoly_scheme.pdb_mon_id 
_pdbx_nonpoly_scheme.auth_mon_id 
_pdbx_nonpoly_scheme.pdb_strand_id 
_pdbx_nonpoly_scheme.pdb_ins_code 
B 2 CA  1   101 1   CA  CA  A . 
C 2 CA  1   102 2   CA  CA  A . 
D 3 HOH 1   201 57  HOH HOH A . 
D 3 HOH 2   202 75  HOH HOH A . 
D 3 HOH 3   203 103 HOH HOH A . 
D 3 HOH 4   204 80  HOH HOH A . 
D 3 HOH 5   205 94  HOH HOH A . 
D 3 HOH 6   206 42  HOH HOH A . 
D 3 HOH 7   207 27  HOH HOH A . 
D 3 HOH 8   208 89  HOH HOH A . 
D 3 HOH 9   209 104 HOH HOH A . 
D 3 HOH 10  210 93  HOH HOH A . 
D 3 HOH 11  211 15  HOH HOH A . 
D 3 HOH 12  212 36  HOH HOH A . 
D 3 HOH 13  213 23  HOH HOH A . 
D 3 HOH 14  214 83  HOH HOH A . 
D 3 HOH 15  215 37  HOH HOH A . 
D 3 HOH 16  216 39  HOH HOH A . 
D 3 HOH 17  217 79  HOH HOH A . 
D 3 HOH 18  218 17  HOH HOH A . 
D 3 HOH 19  219 54  HOH HOH A . 
D 3 HOH 20  220 48  HOH HOH A . 
D 3 HOH 21  221 95  HOH HOH A . 
D 3 HOH 22  222 59  HOH HOH A . 
D 3 HOH 23  223 4   HOH HOH A . 
D 3 HOH 24  224 21  HOH HOH A . 
D 3 HOH 25  225 38  HOH HOH A . 
D 3 HOH 26  226 11  HOH HOH A . 
D 3 HOH 27  227 110 HOH HOH A . 
D 3 HOH 28  228 86  HOH HOH A . 
D 3 HOH 29  229 9   HOH HOH A . 
D 3 HOH 30  230 68  HOH HOH A . 
D 3 HOH 31  231 50  HOH HOH A . 
D 3 HOH 32  232 58  HOH HOH A . 
D 3 HOH 33  233 8   HOH HOH A . 
D 3 HOH 34  234 45  HOH HOH A . 
D 3 HOH 35  235 102 HOH HOH A . 
D 3 HOH 36  236 55  HOH HOH A . 
D 3 HOH 37  237 18  HOH HOH A . 
D 3 HOH 38  238 91  HOH HOH A . 
D 3 HOH 39  239 60  HOH HOH A . 
D 3 HOH 40  240 111 HOH HOH A . 
D 3 HOH 41  241 20  HOH HOH A . 
D 3 HOH 42  242 24  HOH HOH A . 
D 3 HOH 43  243 29  HOH HOH A . 
D 3 HOH 44  244 1   HOH HOH A . 
D 3 HOH 45  245 70  HOH HOH A . 
D 3 HOH 46  246 62  HOH HOH A . 
D 3 HOH 47  247 41  HOH HOH A . 
D 3 HOH 48  248 12  HOH HOH A . 
D 3 HOH 49  249 7   HOH HOH A . 
D 3 HOH 50  250 61  HOH HOH A . 
D 3 HOH 51  251 19  HOH HOH A . 
D 3 HOH 52  252 46  HOH HOH A . 
D 3 HOH 53  253 77  HOH HOH A . 
D 3 HOH 54  254 5   HOH HOH A . 
D 3 HOH 55  255 73  HOH HOH A . 
D 3 HOH 56  256 3   HOH HOH A . 
D 3 HOH 57  257 56  HOH HOH A . 
D 3 HOH 58  258 97  HOH HOH A . 
D 3 HOH 59  259 64  HOH HOH A . 
D 3 HOH 60  260 65  HOH HOH A . 
D 3 HOH 61  261 16  HOH HOH A . 
D 3 HOH 62  262 13  HOH HOH A . 
D 3 HOH 63  263 44  HOH HOH A . 
D 3 HOH 64  264 78  HOH HOH A . 
D 3 HOH 65  265 72  HOH HOH A . 
D 3 HOH 66  266 92  HOH HOH A . 
D 3 HOH 67  267 85  HOH HOH A . 
D 3 HOH 68  268 14  HOH HOH A . 
D 3 HOH 69  269 43  HOH HOH A . 
D 3 HOH 70  270 69  HOH HOH A . 
D 3 HOH 71  271 26  HOH HOH A . 
D 3 HOH 72  272 101 HOH HOH A . 
D 3 HOH 73  273 49  HOH HOH A . 
D 3 HOH 74  274 63  HOH HOH A . 
D 3 HOH 75  275 35  HOH HOH A . 
D 3 HOH 76  276 32  HOH HOH A . 
D 3 HOH 77  277 28  HOH HOH A . 
D 3 HOH 78  278 71  HOH HOH A . 
D 3 HOH 79  279 25  HOH HOH A . 
D 3 HOH 80  280 99  HOH HOH A . 
D 3 HOH 81  281 51  HOH HOH A . 
D 3 HOH 82  282 34  HOH HOH A . 
D 3 HOH 83  283 96  HOH HOH A . 
D 3 HOH 84  284 47  HOH HOH A . 
D 3 HOH 85  285 31  HOH HOH A . 
D 3 HOH 86  286 33  HOH HOH A . 
D 3 HOH 87  287 10  HOH HOH A . 
D 3 HOH 88  288 40  HOH HOH A . 
D 3 HOH 89  289 53  HOH HOH A . 
D 3 HOH 90  290 74  HOH HOH A . 
D 3 HOH 91  291 90  HOH HOH A . 
D 3 HOH 92  292 2   HOH HOH A . 
D 3 HOH 93  293 52  HOH HOH A . 
D 3 HOH 94  294 84  HOH HOH A . 
D 3 HOH 95  295 66  HOH HOH A . 
D 3 HOH 96  296 30  HOH HOH A . 
D 3 HOH 97  297 87  HOH HOH A . 
D 3 HOH 98  298 6   HOH HOH A . 
D 3 HOH 99  299 98  HOH HOH A . 
D 3 HOH 100 300 76  HOH HOH A . 
D 3 HOH 101 301 67  HOH HOH A . 
D 3 HOH 102 302 112 HOH HOH A . 
D 3 HOH 103 303 108 HOH HOH A . 
D 3 HOH 104 304 100 HOH HOH A . 
D 3 HOH 105 305 107 HOH HOH A . 
D 3 HOH 106 306 88  HOH HOH A . 
D 3 HOH 107 307 81  HOH HOH A . 
D 3 HOH 108 308 106 HOH HOH A . 
D 3 HOH 109 309 105 HOH HOH A . 
# 
loop_
_software.citation_id 
_software.classification 
_software.compiler_name 
_software.compiler_version 
_software.contact_author 
_software.contact_author_email 
_software.date 
_software.description 
_software.dependencies 
_software.hardware 
_software.language 
_software.location 
_software.mods 
_software.name 
_software.os 
_software.os_version 
_software.type 
_software.version 
_software.pdbx_reference_DOI 
_software.pdbx_ordinal 
? refinement       ? ? ? ? ? ? ? ? ? ? ? REFMAC   ? ? ? 5.8.0425 ? 1 
? 'data reduction' ? ? ? ? ? ? ? ? ? ? ? HKL-2000 ? ? ? .        ? 2 
? 'data scaling'   ? ? ? ? ? ? ? ? ? ? ? HKL-2000 ? ? ? .        ? 3 
? phasing          ? ? ? ? ? ? ? ? ? ? ? PHASER   ? ? ? .        ? 4 
# 
_cell.angle_alpha                  90.000 
_cell.angle_alpha_esd              ? 
_cell.angle_beta                   90.000 
_cell.angle_beta_esd               ? 
_cell.angle_gamma                  120.000 
_cell.angle_gamma_esd              ? 
_cell.entry_id                     9OKX 
_cell.details                      ? 
_cell.formula_units_Z              ? 
_cell.length_a                     41.511 
_cell.length_a_esd                 ? 
_cell.length_b                     41.511 
_cell.length_b_esd                 ? 
_cell.length_c                     124.629 
_cell.length_c_esd                 ? 
_cell.volume                       ? 
_cell.volume_esd                   ? 
_cell.Z_PDB                        18 
_cell.reciprocal_angle_alpha       ? 
_cell.reciprocal_angle_beta        ? 
_cell.reciprocal_angle_gamma       ? 
_cell.reciprocal_angle_alpha_esd   ? 
_cell.reciprocal_angle_beta_esd    ? 
_cell.reciprocal_angle_gamma_esd   ? 
_cell.reciprocal_length_a          ? 
_cell.reciprocal_length_b          ? 
_cell.reciprocal_length_c          ? 
_cell.reciprocal_length_a_esd      ? 
_cell.reciprocal_length_b_esd      ? 
_cell.reciprocal_length_c_esd      ? 
_cell.pdbx_unique_axis             ? 
_cell.pdbx_esd_method              ? 
# 
_symmetry.entry_id                         9OKX 
_symmetry.cell_setting                     ? 
_symmetry.Int_Tables_number                155 
_symmetry.space_group_name_Hall            ? 
_symmetry.space_group_name_H-M             'H 3 2' 
_symmetry.pdbx_full_space_group_name_H-M   ? 
# 
_exptl.absorpt_coefficient_mu     ? 
_exptl.absorpt_correction_T_max   ? 
_exptl.absorpt_correction_T_min   ? 
_exptl.absorpt_correction_type    ? 
_exptl.absorpt_process_details    ? 
_exptl.entry_id                   9OKX 
_exptl.crystals_number            1 
_exptl.details                    ? 
_exptl.method                     'X-RAY DIFFRACTION' 
_exptl.method_details             ? 
# 
_exptl_crystal.colour                       ? 
_exptl_crystal.density_diffrn               ? 
_exptl_crystal.density_Matthews             2.03 
_exptl_crystal.density_method               ? 
_exptl_crystal.density_percent_sol          39.49 
_exptl_crystal.description                  ? 
_exptl_crystal.F_000                        ? 
_exptl_crystal.id                           1 
_exptl_crystal.preparation                  ? 
_exptl_crystal.size_max                     ? 
_exptl_crystal.size_mid                     ? 
_exptl_crystal.size_min                     ? 
_exptl_crystal.size_rad                     ? 
_exptl_crystal.colour_lustre                ? 
_exptl_crystal.colour_modifier              ? 
_exptl_crystal.colour_primary               ? 
_exptl_crystal.density_meas                 ? 
_exptl_crystal.density_meas_esd             ? 
_exptl_crystal.density_meas_gt              ? 
_exptl_crystal.density_meas_lt              ? 
_exptl_crystal.density_meas_temp            ? 
_exptl_crystal.density_meas_temp_esd        ? 
_exptl_crystal.density_meas_temp_gt         ? 
_exptl_crystal.density_meas_temp_lt         ? 
_exptl_crystal.pdbx_crystal_image_url       ? 
_exptl_crystal.pdbx_crystal_image_format    ? 
_exptl_crystal.pdbx_mosaicity               ? 
_exptl_crystal.pdbx_mosaicity_esd           ? 
_exptl_crystal.pdbx_mosaic_method           ? 
_exptl_crystal.pdbx_mosaic_block_size       ? 
_exptl_crystal.pdbx_mosaic_block_size_esd   ? 
# 
_exptl_crystal_grow.apparatus       ? 
_exptl_crystal_grow.atmosphere      ? 
_exptl_crystal_grow.crystal_id      1 
_exptl_crystal_grow.details         ? 
_exptl_crystal_grow.method          'VAPOR DIFFUSION, SITTING DROP' 
_exptl_crystal_grow.method_ref      ? 
_exptl_crystal_grow.pH              5.8 
_exptl_crystal_grow.pressure        ? 
_exptl_crystal_grow.pressure_esd    ? 
_exptl_crystal_grow.seeding         ? 
_exptl_crystal_grow.seeding_ref     ? 
_exptl_crystal_grow.temp_details    ? 
_exptl_crystal_grow.temp_esd        ? 
_exptl_crystal_grow.time            ? 
_exptl_crystal_grow.pdbx_details    
'0.4 M Sodium chloride, 0.12 M Calcium chloride, 20 mM MES pH 5.8, 27% v/v (+/-)-2-Methyl-2,4-pentanediol' 
_exptl_crystal_grow.pdbx_pH_range   ? 
_exptl_crystal_grow.temp            293 
# 
_diffrn.ambient_environment              ? 
_diffrn.ambient_temp                     99 
_diffrn.ambient_temp_details             ? 
_diffrn.ambient_temp_esd                 ? 
_diffrn.crystal_id                       1 
_diffrn.crystal_support                  ? 
_diffrn.crystal_treatment                ? 
_diffrn.details                          ? 
_diffrn.id                               1 
_diffrn.ambient_pressure                 ? 
_diffrn.ambient_pressure_esd             ? 
_diffrn.ambient_pressure_gt              ? 
_diffrn.ambient_pressure_lt              ? 
_diffrn.ambient_temp_gt                  ? 
_diffrn.ambient_temp_lt                  ? 
_diffrn.pdbx_serial_crystal_experiment   N 
# 
_diffrn_detector.details                      ? 
_diffrn_detector.detector                     PIXEL 
_diffrn_detector.diffrn_id                    1 
_diffrn_detector.type                         'DECTRIS PILATUS3 2M' 
_diffrn_detector.area_resol_mean              ? 
_diffrn_detector.dtime                        ? 
_diffrn_detector.pdbx_frames_total            ? 
_diffrn_detector.pdbx_collection_time_total   ? 
_diffrn_detector.pdbx_collection_date         2024-06-28 
_diffrn_detector.pdbx_frequency               ? 
_diffrn_detector.id                           ? 
_diffrn_detector.number_of_axes               ? 
# 
_diffrn_radiation.collimation                      ? 
_diffrn_radiation.diffrn_id                        1 
_diffrn_radiation.filter_edge                      ? 
_diffrn_radiation.inhomogeneity                    ? 
_diffrn_radiation.monochromator                    ? 
_diffrn_radiation.polarisn_norm                    ? 
_diffrn_radiation.polarisn_ratio                   ? 
_diffrn_radiation.probe                            ? 
_diffrn_radiation.type                             ? 
_diffrn_radiation.xray_symbol                      ? 
_diffrn_radiation.wavelength_id                    1 
_diffrn_radiation.pdbx_monochromatic_or_laue_m_l   M 
_diffrn_radiation.pdbx_wavelength_list             ? 
_diffrn_radiation.pdbx_wavelength                  ? 
_diffrn_radiation.pdbx_diffrn_protocol             'SINGLE WAVELENGTH' 
_diffrn_radiation.pdbx_analyzer                    ? 
_diffrn_radiation.pdbx_scattering_type             x-ray 
# 
_diffrn_radiation_wavelength.id           1 
_diffrn_radiation_wavelength.wavelength   0.97648 
_diffrn_radiation_wavelength.wt           1.0 
# 
_diffrn_source.current                     ? 
_diffrn_source.details                     ? 
_diffrn_source.diffrn_id                   1 
_diffrn_source.power                       ? 
_diffrn_source.size                        ? 
_diffrn_source.source                      SYNCHROTRON 
_diffrn_source.target                      ? 
_diffrn_source.type                        'ALS BEAMLINE 5.0.3' 
_diffrn_source.voltage                     ? 
_diffrn_source.take-off_angle              ? 
_diffrn_source.pdbx_wavelength_list        0.97648 
_diffrn_source.pdbx_wavelength             ? 
_diffrn_source.pdbx_synchrotron_beamline   5.0.3 
_diffrn_source.pdbx_synchrotron_site       ALS 
# 
_reflns.B_iso_Wilson_estimate                          ? 
_reflns.entry_id                                       9OKX 
_reflns.data_reduction_details                         ? 
_reflns.data_reduction_method                          ? 
_reflns.d_resolution_high                              1.375 
_reflns.d_resolution_low                               50 
_reflns.details                                        ? 
_reflns.limit_h_max                                    ? 
_reflns.limit_h_min                                    ? 
_reflns.limit_k_max                                    ? 
_reflns.limit_k_min                                    ? 
_reflns.limit_l_max                                    ? 
_reflns.limit_l_min                                    ? 
_reflns.number_all                                     ? 
_reflns.number_obs                                     8922 
_reflns.observed_criterion                             ? 
_reflns.observed_criterion_F_max                       ? 
_reflns.observed_criterion_F_min                       ? 
_reflns.observed_criterion_I_max                       ? 
_reflns.observed_criterion_I_min                       ? 
_reflns.observed_criterion_sigma_F                     ? 
_reflns.observed_criterion_sigma_I                     ? 
_reflns.percent_possible_obs                           99.5 
_reflns.R_free_details                                 ? 
_reflns.Rmerge_F_all                                   ? 
_reflns.Rmerge_F_obs                                   ? 
_reflns.Friedel_coverage                               ? 
_reflns.number_gt                                      ? 
_reflns.threshold_expression                           ? 
_reflns.pdbx_redundancy                                7.2 
_reflns.pdbx_netI_over_av_sigmaI                       ? 
_reflns.pdbx_netI_over_sigmaI                          26.0 
_reflns.pdbx_res_netI_over_av_sigmaI_2                 ? 
_reflns.pdbx_res_netI_over_sigmaI_2                    ? 
_reflns.pdbx_chi_squared                               0.930 
_reflns.pdbx_scaling_rejects                           ? 
_reflns.pdbx_d_res_high_opt                            ? 
_reflns.pdbx_d_res_low_opt                             ? 
_reflns.pdbx_d_res_opt_method                          ? 
_reflns.phase_calculation_details                      ? 
_reflns.pdbx_Rrim_I_all                                0.072 
_reflns.pdbx_Rpim_I_all                                0.027 
_reflns.pdbx_d_opt                                     ? 
_reflns.pdbx_number_measured_all                       ? 
_reflns.pdbx_diffrn_id                                 1 
_reflns.pdbx_ordinal                                   1 
_reflns.pdbx_CC_half                                   0.972 
_reflns.pdbx_CC_star                                   0.993 
_reflns.pdbx_R_split                                   ? 
_reflns.pdbx_Rmerge_I_obs                              0.067 
_reflns.pdbx_Rmerge_I_all                              ? 
_reflns.pdbx_Rsym_value                                ? 
_reflns.pdbx_CC_split_method                           ? 
_reflns.pdbx_aniso_diffraction_limit_axis_1_ortho[1]   ? 
_reflns.pdbx_aniso_diffraction_limit_axis_1_ortho[2]   ? 
_reflns.pdbx_aniso_diffraction_limit_axis_1_ortho[3]   ? 
_reflns.pdbx_aniso_diffraction_limit_axis_2_ortho[1]   ? 
_reflns.pdbx_aniso_diffraction_limit_axis_2_ortho[2]   ? 
_reflns.pdbx_aniso_diffraction_limit_axis_2_ortho[3]   ? 
_reflns.pdbx_aniso_diffraction_limit_axis_3_ortho[1]   ? 
_reflns.pdbx_aniso_diffraction_limit_axis_3_ortho[2]   ? 
_reflns.pdbx_aniso_diffraction_limit_axis_3_ortho[3]   ? 
_reflns.pdbx_aniso_diffraction_limit_1                 ? 
_reflns.pdbx_aniso_diffraction_limit_2                 ? 
_reflns.pdbx_aniso_diffraction_limit_3                 ? 
_reflns.pdbx_aniso_B_tensor_eigenvector_1_ortho[1]     ? 
_reflns.pdbx_aniso_B_tensor_eigenvector_1_ortho[2]     ? 
_reflns.pdbx_aniso_B_tensor_eigenvector_1_ortho[3]     ? 
_reflns.pdbx_aniso_B_tensor_eigenvector_2_ortho[1]     ? 
_reflns.pdbx_aniso_B_tensor_eigenvector_2_ortho[2]     ? 
_reflns.pdbx_aniso_B_tensor_eigenvector_2_ortho[3]     ? 
_reflns.pdbx_aniso_B_tensor_eigenvector_3_ortho[1]     ? 
_reflns.pdbx_aniso_B_tensor_eigenvector_3_ortho[2]     ? 
_reflns.pdbx_aniso_B_tensor_eigenvector_3_ortho[3]     ? 
_reflns.pdbx_aniso_B_tensor_eigenvalue_1               ? 
_reflns.pdbx_aniso_B_tensor_eigenvalue_2               ? 
_reflns.pdbx_aniso_B_tensor_eigenvalue_3               ? 
_reflns.pdbx_orthogonalization_convention              ? 
_reflns.pdbx_percent_possible_ellipsoidal              ? 
_reflns.pdbx_percent_possible_spherical                ? 
_reflns.pdbx_percent_possible_ellipsoidal_anomalous    ? 
_reflns.pdbx_percent_possible_spherical_anomalous      ? 
_reflns.pdbx_redundancy_anomalous                      ? 
_reflns.pdbx_CC_half_anomalous                         ? 
_reflns.pdbx_absDiff_over_sigma_anomalous              ? 
_reflns.pdbx_percent_possible_anomalous                ? 
_reflns.pdbx_observed_signal_threshold                 ? 
_reflns.pdbx_signal_type                               ? 
_reflns.pdbx_signal_details                            ? 
_reflns.pdbx_signal_software_id                        ? 
# 
_reflns_shell.d_res_high                                    1.375 
_reflns_shell.d_res_low                                     1.4 
_reflns_shell.meanI_over_sigI_all                           ? 
_reflns_shell.meanI_over_sigI_obs                           2.8 
_reflns_shell.number_measured_all                           ? 
_reflns_shell.number_measured_obs                           ? 
_reflns_shell.number_possible                               ? 
_reflns_shell.number_unique_all                             ? 
_reflns_shell.number_unique_obs                             405 
_reflns_shell.percent_possible_obs                          ? 
_reflns_shell.Rmerge_F_all                                  ? 
_reflns_shell.Rmerge_F_obs                                  ? 
_reflns_shell.meanI_over_sigI_gt                            ? 
_reflns_shell.meanI_over_uI_all                             ? 
_reflns_shell.meanI_over_uI_gt                              ? 
_reflns_shell.number_measured_gt                            ? 
_reflns_shell.number_unique_gt                              ? 
_reflns_shell.percent_possible_gt                           ? 
_reflns_shell.Rmerge_F_gt                                   ? 
_reflns_shell.Rmerge_I_gt                                   ? 
_reflns_shell.pdbx_redundancy                               5.2 
_reflns_shell.pdbx_chi_squared                              0.779 
_reflns_shell.pdbx_netI_over_sigmaI_all                     ? 
_reflns_shell.pdbx_netI_over_sigmaI_obs                     ? 
_reflns_shell.pdbx_Rrim_I_all                               0.548 
_reflns_shell.pdbx_Rpim_I_all                               0.232 
_reflns_shell.pdbx_rejects                                  ? 
_reflns_shell.pdbx_ordinal                                  1 
_reflns_shell.pdbx_diffrn_id                                1 
_reflns_shell.pdbx_CC_half                                  0.861 
_reflns_shell.pdbx_CC_star                                  0.962 
_reflns_shell.pdbx_R_split                                  ? 
_reflns_shell.percent_possible_all                          96.2 
_reflns_shell.Rmerge_I_all                                  ? 
_reflns_shell.Rmerge_I_obs                                  0.494 
_reflns_shell.pdbx_Rsym_value                               ? 
_reflns_shell.pdbx_percent_possible_ellipsoidal             ? 
_reflns_shell.pdbx_percent_possible_spherical               ? 
_reflns_shell.pdbx_percent_possible_ellipsoidal_anomalous   ? 
_reflns_shell.pdbx_percent_possible_spherical_anomalous     ? 
_reflns_shell.pdbx_redundancy_anomalous                     ? 
_reflns_shell.pdbx_CC_half_anomalous                        ? 
_reflns_shell.pdbx_absDiff_over_sigma_anomalous             ? 
_reflns_shell.pdbx_percent_possible_anomalous               ? 
# 
_refine.aniso_B[1][1]                            0.004 
_refine.aniso_B[1][2]                            0.002 
_refine.aniso_B[1][3]                            0.000 
_refine.aniso_B[2][2]                            0.004 
_refine.aniso_B[2][3]                            0.000 
_refine.aniso_B[3][3]                            -0.015 
_refine.B_iso_max                                ? 
_refine.B_iso_mean                               10.616 
_refine.B_iso_min                                ? 
_refine.correlation_coeff_Fo_to_Fc               0.966 
_refine.correlation_coeff_Fo_to_Fc_free          0.961 
_refine.details                                  'Hydrogens have been added in their riding positions' 
_refine.diff_density_max                         ? 
_refine.diff_density_max_esd                     ? 
_refine.diff_density_min                         ? 
_refine.diff_density_min_esd                     ? 
_refine.diff_density_rms                         ? 
_refine.diff_density_rms_esd                     ? 
_refine.entry_id                                 9OKX 
_refine.pdbx_refine_id                           'X-RAY DIFFRACTION' 
_refine.ls_abs_structure_details                 ? 
_refine.ls_abs_structure_Flack                   ? 
_refine.ls_abs_structure_Flack_esd               ? 
_refine.ls_abs_structure_Rogers                  ? 
_refine.ls_abs_structure_Rogers_esd              ? 
_refine.ls_d_res_high                            1.375 
_refine.ls_d_res_low                             41.543 
_refine.ls_extinction_coef                       ? 
_refine.ls_extinction_coef_esd                   ? 
_refine.ls_extinction_expression                 ? 
_refine.ls_extinction_method                     ? 
_refine.ls_goodness_of_fit_all                   ? 
_refine.ls_goodness_of_fit_all_esd               ? 
_refine.ls_goodness_of_fit_obs                   ? 
_refine.ls_goodness_of_fit_obs_esd               ? 
_refine.ls_hydrogen_treatment                    ? 
_refine.ls_matrix_type                           ? 
_refine.ls_number_constraints                    ? 
_refine.ls_number_parameters                     ? 
_refine.ls_number_reflns_all                     ? 
_refine.ls_number_reflns_obs                     8380 
_refine.ls_number_reflns_R_free                  389 
_refine.ls_number_reflns_R_work                  7991 
_refine.ls_number_restraints                     ? 
_refine.ls_percent_reflns_obs                    93.652 
_refine.ls_percent_reflns_R_free                 4.642 
_refine.ls_R_factor_all                          0.179 
_refine.ls_R_factor_obs                          ? 
_refine.ls_R_factor_R_free                       0.2154 
_refine.ls_R_factor_R_free_error                 ? 
_refine.ls_R_factor_R_free_error_details         ? 
_refine.ls_R_factor_R_work                       0.1768 
_refine.ls_R_Fsqd_factor_obs                     ? 
_refine.ls_R_I_factor_obs                        ? 
_refine.ls_redundancy_reflns_all                 ? 
_refine.ls_redundancy_reflns_obs                 ? 
_refine.ls_restrained_S_all                      ? 
_refine.ls_restrained_S_obs                      ? 
_refine.ls_shift_over_esd_max                    ? 
_refine.ls_shift_over_esd_mean                   ? 
_refine.ls_structure_factor_coef                 ? 
_refine.ls_weighting_details                     ? 
_refine.ls_weighting_scheme                      ? 
_refine.ls_wR_factor_all                         ? 
_refine.ls_wR_factor_obs                         ? 
_refine.ls_wR_factor_R_free                      ? 
_refine.ls_wR_factor_R_work                      ? 
_refine.occupancy_max                            ? 
_refine.occupancy_min                            ? 
_refine.solvent_model_details                    'MASK BULK SOLVENT' 
_refine.solvent_model_param_bsol                 ? 
_refine.solvent_model_param_ksol                 ? 
_refine.correlation_coeff_I_to_Fcsqd_work        ? 
_refine.correlation_coeff_I_to_Fcsqd_free        ? 
_refine.pdbx_R_complete                          ? 
_refine.ls_R_factor_gt                           ? 
_refine.ls_goodness_of_fit_gt                    ? 
_refine.ls_goodness_of_fit_ref                   ? 
_refine.ls_shift_over_su_max                     ? 
_refine.ls_shift_over_su_max_lt                  ? 
_refine.ls_shift_over_su_mean                    ? 
_refine.ls_shift_over_su_mean_lt                 ? 
_refine.pdbx_ls_sigma_I                          ? 
_refine.pdbx_ls_sigma_F                          ? 
_refine.pdbx_ls_sigma_Fsqd                       ? 
_refine.pdbx_data_cutoff_high_absF               ? 
_refine.pdbx_data_cutoff_high_rms_absF           ? 
_refine.pdbx_data_cutoff_low_absF                ? 
_refine.pdbx_isotropic_thermal_model             ? 
_refine.pdbx_ls_cross_valid_method               THROUGHOUT 
_refine.pdbx_method_to_determine_struct          'MOLECULAR REPLACEMENT' 
_refine.pdbx_starting_model                      ? 
_refine.pdbx_stereochemistry_target_values       ? 
_refine.pdbx_R_Free_selection_details            ? 
_refine.pdbx_stereochem_target_val_spec_case     ? 
_refine.pdbx_overall_ESU_R                       0.068 
_refine.pdbx_overall_ESU_R_Free                  0.073 
_refine.pdbx_solvent_vdw_probe_radii             1.200 
_refine.pdbx_solvent_ion_probe_radii             0.800 
_refine.pdbx_solvent_shrinkage_radii             0.800 
_refine.pdbx_real_space_R                        ? 
_refine.pdbx_density_correlation                 ? 
_refine.pdbx_pd_number_of_powder_patterns        ? 
_refine.pdbx_pd_number_of_points                 ? 
_refine.pdbx_pd_meas_number_of_points            ? 
_refine.pdbx_pd_proc_ls_prof_R_factor            ? 
_refine.pdbx_pd_proc_ls_prof_wR_factor           ? 
_refine.pdbx_pd_Marquardt_correlation_coeff      ? 
_refine.pdbx_pd_Fsqrd_R_factor                   ? 
_refine.pdbx_pd_ls_matrix_band_width             ? 
_refine.pdbx_overall_phase_error                 ? 
_refine.pdbx_overall_SU_R_free_Cruickshank_DPI   ? 
_refine.pdbx_overall_SU_R_free_Blow_DPI          ? 
_refine.pdbx_overall_SU_R_Blow_DPI               ? 
_refine.pdbx_TLS_residual_ADP_flag               ? 
_refine.pdbx_diffrn_id                           1 
_refine.overall_SU_B                             1.103 
_refine.overall_SU_ML                            0.046 
_refine.overall_SU_R_Cruickshank_DPI             ? 
_refine.overall_SU_R_free                        ? 
_refine.overall_FOM_free_R_set                   ? 
_refine.overall_FOM_work_R_set                   ? 
_refine.pdbx_average_fsc_overall                 ? 
_refine.pdbx_average_fsc_work                    ? 
_refine.pdbx_average_fsc_free                    ? 
# 
_refine_hist.pdbx_refine_id                   'X-RAY DIFFRACTION' 
_refine_hist.cycle_id                         LAST 
_refine_hist.details                          ? 
_refine_hist.d_res_high                       1.375 
_refine_hist.d_res_low                        41.543 
_refine_hist.number_atoms_solvent             109 
_refine_hist.number_atoms_total               446 
_refine_hist.number_reflns_all                ? 
_refine_hist.number_reflns_obs                ? 
_refine_hist.number_reflns_R_free             ? 
_refine_hist.number_reflns_R_work             ? 
_refine_hist.R_factor_all                     ? 
_refine_hist.R_factor_obs                     ? 
_refine_hist.R_factor_R_free                  ? 
_refine_hist.R_factor_R_work                  ? 
_refine_hist.pdbx_number_residues_total       ? 
_refine_hist.pdbx_B_iso_mean_ligand           ? 
_refine_hist.pdbx_B_iso_mean_solvent          ? 
_refine_hist.pdbx_number_atoms_protein        0 
_refine_hist.pdbx_number_atoms_nucleic_acid   335 
_refine_hist.pdbx_number_atoms_ligand         2 
_refine_hist.pdbx_number_atoms_lipid          ? 
_refine_hist.pdbx_number_atoms_carb           ? 
_refine_hist.pdbx_pseudo_atom_details         ? 
# 
loop_
_refine_ls_restr.pdbx_refine_id 
_refine_ls_restr.criterion 
_refine_ls_restr.dev_ideal 
_refine_ls_restr.dev_ideal_target 
_refine_ls_restr.number 
_refine_ls_restr.rejects 
_refine_ls_restr.type 
_refine_ls_restr.weight 
_refine_ls_restr.pdbx_Zscore 
_refine_ls_restr.pdbx_restraint_function 
'X-RAY DIFFRACTION' ? 0.009 0.011  374 ? r_bond_refined_d               ? ? ? 
'X-RAY DIFFRACTION' ? 0.002 0.018  156 ? r_bond_other_d                 ? ? ? 
'X-RAY DIFFRACTION' ? 1.859 1.837  580 ? r_angle_refined_deg            ? ? ? 
'X-RAY DIFFRACTION' ? 0.541 1.643  381 ? r_angle_other_deg              ? ? ? 
'X-RAY DIFFRACTION' ? 0.112 5.000  11  ? r_dihedral_angle_other_2_deg   ? ? ? 
'X-RAY DIFFRACTION' ? 0.074 0.200  78  ? r_chiral_restr                 ? ? ? 
'X-RAY DIFFRACTION' ? 0.028 0.020  185 ? r_gen_planes_refined           ? ? ? 
'X-RAY DIFFRACTION' ? 0.001 0.020  59  ? r_gen_planes_other             ? ? ? 
'X-RAY DIFFRACTION' ? 0.084 0.200  26  ? r_nbd_refined                  ? ? ? 
'X-RAY DIFFRACTION' ? 0.196 0.200  144 ? r_symmetry_nbd_other           ? ? ? 
'X-RAY DIFFRACTION' ? 0.250 0.200  137 ? r_nbtor_refined                ? ? ? 
'X-RAY DIFFRACTION' ? 0.078 0.200  93  ? r_symmetry_nbtor_other         ? ? ? 
'X-RAY DIFFRACTION' ? 0.209 0.200  70  ? r_xyhbond_nbd_refined          ? ? ? 
'X-RAY DIFFRACTION' ? 0.153 0.200  7   ? r_metal_ion_refined            ? ? ? 
'X-RAY DIFFRACTION' ? 0.093 0.200  9   ? r_symmetry_nbd_refined         ? ? ? 
'X-RAY DIFFRACTION' ? 0.122 0.200  65  ? r_nbd_other                    ? ? ? 
'X-RAY DIFFRACTION' ? 0.191 0.200  37  ? r_symmetry_xyhbond_nbd_refined ? ? ? 
'X-RAY DIFFRACTION' ? 1.140 1.194  374 ? r_scbond_it                    ? ? ? 
'X-RAY DIFFRACTION' ? 1.139 1.193  375 ? r_scbond_other                 ? ? ? 
'X-RAY DIFFRACTION' ? 1.636 2.189  580 ? r_scangle_it                   ? ? ? 
'X-RAY DIFFRACTION' ? 1.634 2.188  581 ? r_scangle_other                ? ? ? 
'X-RAY DIFFRACTION' ? 4.709 20.540 549 ? r_lrange_it                    ? ? ? 
'X-RAY DIFFRACTION' ? 4.208 17.324 503 ? r_lrange_other                 ? ? ? 
# 
loop_
_refine_ls_shell.pdbx_refine_id 
_refine_ls_shell.d_res_high 
_refine_ls_shell.d_res_low 
_refine_ls_shell.number_reflns_all 
_refine_ls_shell.number_reflns_obs 
_refine_ls_shell.number_reflns_R_free 
_refine_ls_shell.number_reflns_R_work 
_refine_ls_shell.percent_reflns_obs 
_refine_ls_shell.percent_reflns_R_free 
_refine_ls_shell.R_factor_all 
_refine_ls_shell.R_factor_obs 
_refine_ls_shell.R_factor_R_free_error 
_refine_ls_shell.R_factor_R_work 
_refine_ls_shell.redundancy_reflns_all 
_refine_ls_shell.redundancy_reflns_obs 
_refine_ls_shell.wR_factor_all 
_refine_ls_shell.wR_factor_obs 
_refine_ls_shell.wR_factor_R_free 
_refine_ls_shell.wR_factor_R_work 
_refine_ls_shell.pdbx_R_complete 
_refine_ls_shell.correlation_coeff_Fo_to_Fc 
_refine_ls_shell.correlation_coeff_Fo_to_Fc_free 
_refine_ls_shell.correlation_coeff_I_to_Fcsqd_work 
_refine_ls_shell.correlation_coeff_I_to_Fcsqd_free 
_refine_ls_shell.pdbx_total_number_of_bins_used 
_refine_ls_shell.pdbx_phase_error 
_refine_ls_shell.pdbx_fsc_work 
_refine_ls_shell.pdbx_fsc_free 
_refine_ls_shell.R_factor_R_free 
'X-RAY DIFFRACTION' 1.375 1.411  649 . 20 299 49.1525  . 0.240 . . 0.237 . . . . . 0.215 . . . . . 20 . 0.962 0.952 0.294 
'X-RAY DIFFRACTION' 1.411 1.449  608 . 17 396 67.9276  . 0.202 . . 0.201 . . . . . 0.177 . . . . . 20 . 0.972 0.965 0.234 
'X-RAY DIFFRACTION' 1.449 1.491  618 . 29 566 96.2783  . 0.209 . . 0.207 . . . . . 0.181 . . . . . 20 . 0.972 0.958 0.248 
'X-RAY DIFFRACTION' 1.491 1.537  606 . 32 572 99.6700  . 0.180 . . 0.178 . . . . . 0.154 . . . . . 20 . 0.979 0.965 0.228 
'X-RAY DIFFRACTION' 1.537 1.587  585 . 29 555 99.8291  . 0.168 . . 0.167 . . . . . 0.150 . . . . . 20 . 0.981 0.981 0.190 
'X-RAY DIFFRACTION' 1.587 1.643  555 . 30 523 99.6396  . 0.163 . . 0.161 . . . . . 0.145 . . . . . 20 . 0.983 0.978 0.197 
'X-RAY DIFFRACTION' 1.643 1.705  532 . 19 512 99.8120  . 0.144 . . 0.145 . . . . . 0.135 . . . . . 20 . 0.987 0.986 0.127 
'X-RAY DIFFRACTION' 1.705 1.774  542 . 21 521 100.0000 . 0.154 . . 0.150 . . . . . 0.145 . . . . . 20 . 0.986 0.972 0.247 
'X-RAY DIFFRACTION' 1.774 1.853  498 . 24 474 100.0000 . 0.165 . . 0.163 . . . . . 0.156 . . . . . 20 . 0.983 0.981 0.200 
'X-RAY DIFFRACTION' 1.853 1.943  485 . 29 455 99.7938  . 0.169 . . 0.163 . . . . . 0.163 . . . . . 20 . 0.982 0.968 0.258 
'X-RAY DIFFRACTION' 1.943 2.048  472 . 18 454 100.0000 . 0.174 . . 0.174 . . . . . 0.177 . . . . . 20 . 0.980 0.978 0.163 
'X-RAY DIFFRACTION' 2.048 2.172  427 . 22 405 100.0000 . 0.177 . . 0.174 . . . . . 0.181 . . . . . 20 . 0.980 0.970 0.235 
'X-RAY DIFFRACTION' 2.172 2.322  416 . 22 392 99.5192  . 0.194 . . 0.192 . . . . . 0.207 . . . . . 20 . 0.977 0.974 0.225 
'X-RAY DIFFRACTION' 2.322 2.507  381 . 19 362 100.0000 . 0.192 . . 0.186 . . . . . 0.211 . . . . . 20 . 0.979 0.940 0.308 
'X-RAY DIFFRACTION' 2.507 2.745  366 . 17 349 100.0000 . 0.204 . . 0.203 . . . . . 0.237 . . . . . 20 . 0.973 0.964 0.214 
'X-RAY DIFFRACTION' 2.745 3.068  322 . 9  311 99.3789  . 0.194 . . 0.195 . . . . . 0.234 . . . . . 20 . 0.977 0.984 0.167 
'X-RAY DIFFRACTION' 3.068 3.539  295 . 11 279 98.3051  . 0.169 . . 0.167 . . . . . 0.208 . . . . . 20 . 0.986 0.982 0.209 
'X-RAY DIFFRACTION' 3.539 4.327  256 . 7  246 98.8281  . 0.175 . . 0.174 . . . . . 0.202 . . . . . 20 . 0.983 0.997 0.199 
'X-RAY DIFFRACTION' 4.327 6.086  206 . 11 194 99.5146  . 0.152 . . 0.152 . . . . . 0.231 . . . . . 20 . 0.985 0.987 0.167 
'X-RAY DIFFRACTION' 6.086 41.543 129 . 3  126 100.0000 . 0.223 . . 0.221 . . . . . 0.327 . . . . . 20 . 0.968 0.874 0.291 
# 
_struct.entry_id                     9OKX 
_struct.title                        '16mer self-complementary duplex RNA with dG:C pair sequence 2' 
_struct.pdbx_model_details           ? 
_struct.pdbx_formula_weight          ? 
_struct.pdbx_formula_weight_method   ? 
_struct.pdbx_model_type_details      ? 
_struct.pdbx_CASP_flag               N 
# 
_struct_keywords.entry_id        9OKX 
_struct_keywords.text            'Deoxyribo-purine, RNA duplex, Origin of Life, RNA' 
_struct_keywords.pdbx_keywords   RNA 
# 
loop_
_struct_asym.id 
_struct_asym.pdbx_blank_PDB_chainid_flag 
_struct_asym.pdbx_modified 
_struct_asym.entity_id 
_struct_asym.details 
A N N 1 ? 
B N N 2 ? 
C N N 2 ? 
D N N 3 ? 
# 
_struct_ref.id                         1 
_struct_ref.db_name                    PDB 
_struct_ref.db_code                    9OKX 
_struct_ref.pdbx_db_accession          9OKX 
_struct_ref.pdbx_db_isoform            ? 
_struct_ref.entity_id                  1 
_struct_ref.pdbx_seq_one_letter_code   ? 
_struct_ref.pdbx_align_begin           1 
# 
_struct_ref_seq.align_id                      1 
_struct_ref_seq.ref_id                        1 
_struct_ref_seq.pdbx_PDB_id_code              9OKX 
_struct_ref_seq.pdbx_strand_id                A 
_struct_ref_seq.seq_align_beg                 1 
_struct_ref_seq.pdbx_seq_align_beg_ins_code   ? 
_struct_ref_seq.seq_align_end                 16 
_struct_ref_seq.pdbx_seq_align_end_ins_code   ? 
_struct_ref_seq.pdbx_db_accession             9OKX 
_struct_ref_seq.db_align_beg                  1 
_struct_ref_seq.pdbx_db_align_beg_ins_code    ? 
_struct_ref_seq.db_align_end                  16 
_struct_ref_seq.pdbx_db_align_end_ins_code    ? 
_struct_ref_seq.pdbx_auth_seq_align_beg       1 
_struct_ref_seq.pdbx_auth_seq_align_end       16 
# 
_pdbx_struct_assembly.id                   1 
_pdbx_struct_assembly.details              author_and_software_defined_assembly 
_pdbx_struct_assembly.method_details       PISA 
_pdbx_struct_assembly.oligomeric_details   dimeric 
_pdbx_struct_assembly.oligomeric_count     2 
# 
loop_
_pdbx_struct_assembly_prop.biol_id 
_pdbx_struct_assembly_prop.type 
_pdbx_struct_assembly_prop.value 
_pdbx_struct_assembly_prop.details 
1 'ABSA (A^2)' 1640 ? 
1 MORE         -25  ? 
1 'SSA (A^2)'  6040 ? 
# 
_pdbx_struct_assembly_gen.assembly_id       1 
_pdbx_struct_assembly_gen.oper_expression   1,2 
_pdbx_struct_assembly_gen.asym_id_list      A,B,C,D 
# 
_pdbx_struct_assembly_auth_evidence.id                     1 
_pdbx_struct_assembly_auth_evidence.assembly_id            1 
_pdbx_struct_assembly_auth_evidence.experimental_support   none 
_pdbx_struct_assembly_auth_evidence.details                ? 
# 
loop_
_pdbx_struct_oper_list.id 
_pdbx_struct_oper_list.type 
_pdbx_struct_oper_list.name 
_pdbx_struct_oper_list.symmetry_operation 
_pdbx_struct_oper_list.matrix[1][1] 
_pdbx_struct_oper_list.matrix[1][2] 
_pdbx_struct_oper_list.matrix[1][3] 
_pdbx_struct_oper_list.vector[1] 
_pdbx_struct_oper_list.matrix[2][1] 
_pdbx_struct_oper_list.matrix[2][2] 
_pdbx_struct_oper_list.matrix[2][3] 
_pdbx_struct_oper_list.vector[2] 
_pdbx_struct_oper_list.matrix[3][1] 
_pdbx_struct_oper_list.matrix[3][2] 
_pdbx_struct_oper_list.matrix[3][3] 
_pdbx_struct_oper_list.vector[3] 
1 'identity operation'         1_555 x,y,z  1.0000000000  0.0000000000 0.0000000000  0.0000000000  0.0000000000 1.0000000000 0.0000000000  0.0000000000 0.0000000000  0.0000000000  1.0000000000  0.0000000000 
2 'crystal symmetry operation' 4_555 y,x,-z -0.3014534102 0.8805607111 -0.3657029882 -0.7933274157 0.8805607111 0.1100006460 -0.4609909890 1.7963781617 -0.3657029882 -0.4609909890 -0.8085472358 2.8100505152 
# 
loop_
_struct_conn.id 
_struct_conn.conn_type_id 
_struct_conn.pdbx_leaving_atom_flag 
_struct_conn.pdbx_PDB_id 
_struct_conn.ptnr1_label_asym_id 
_struct_conn.ptnr1_label_comp_id 
_struct_conn.ptnr1_label_seq_id 
_struct_conn.ptnr1_label_atom_id 
_struct_conn.pdbx_ptnr1_label_alt_id 
_struct_conn.pdbx_ptnr1_PDB_ins_code 
_struct_conn.pdbx_ptnr1_standard_comp_id 
_struct_conn.ptnr1_symmetry 
_struct_conn.ptnr2_label_asym_id 
_struct_conn.ptnr2_label_comp_id 
_struct_conn.ptnr2_label_seq_id 
_struct_conn.ptnr2_label_atom_id 
_struct_conn.pdbx_ptnr2_label_alt_id 
_struct_conn.pdbx_ptnr2_PDB_ins_code 
_struct_conn.ptnr1_auth_asym_id 
_struct_conn.ptnr1_auth_comp_id 
_struct_conn.ptnr1_auth_seq_id 
_struct_conn.ptnr2_auth_asym_id 
_struct_conn.ptnr2_auth_comp_id 
_struct_conn.ptnr2_auth_seq_id 
_struct_conn.ptnr2_symmetry 
_struct_conn.pdbx_ptnr3_label_atom_id 
_struct_conn.pdbx_ptnr3_label_seq_id 
_struct_conn.pdbx_ptnr3_label_comp_id 
_struct_conn.pdbx_ptnr3_label_asym_id 
_struct_conn.pdbx_ptnr3_label_alt_id 
_struct_conn.pdbx_ptnr3_PDB_ins_code 
_struct_conn.details 
_struct_conn.pdbx_dist_value 
_struct_conn.pdbx_value_order 
_struct_conn.pdbx_role 
metalc1  metalc ? ? A U  16 OP1 ? ? ? 1_555 C CA  .  CA ? ? A U  16  A CA  102 1_555  ? ? ? ? ? ? ?            2.169 ? ? 
metalc2  metalc ? ? B CA .  CA  ? ? ? 1_555 D HOH .  O  ? ? A CA 101 A HOH 213 1_555  ? ? ? ? ? ? ?            2.282 ? ? 
metalc3  metalc ? ? B CA .  CA  ? ? ? 1_555 D HOH .  O  ? ? A CA 101 A HOH 228 1_555  ? ? ? ? ? ? ?            2.793 ? ? 
metalc4  metalc ? ? B CA .  CA  ? ? ? 1_555 D HOH .  O  ? ? A CA 101 A HOH 241 1_555  ? ? ? ? ? ? ?            2.379 ? ? 
metalc5  metalc ? ? B CA .  CA  ? ? ? 1_555 D HOH .  O  ? ? A CA 101 A HOH 242 1_555  ? ? ? ? ? ? ?            2.444 ? ? 
metalc6  metalc ? ? B CA .  CA  ? ? ? 1_555 D HOH .  O  ? ? A CA 101 A HOH 297 1_555  ? ? ? ? ? ? ?            2.902 ? ? 
metalc7  metalc ? ? B CA .  CA  ? ? ? 1_555 D HOH .  O  ? ? A CA 101 A HOH 306 1_555  ? ? ? ? ? ? ?            2.261 ? ? 
metalc8  metalc ? ? C CA .  CA  ? ? ? 1_555 D HOH .  O  ? ? A CA 102 A HOH 219 16_554 ? ? ? ? ? ? ?            2.254 ? ? 
metalc9  metalc ? ? C CA .  CA  ? ? ? 1_555 D HOH .  O  ? ? A CA 102 A HOH 281 1_555  ? ? ? ? ? ? ?            2.274 ? ? 
metalc10 metalc ? ? C CA .  CA  ? ? ? 1_555 D HOH .  O  ? ? A CA 102 A HOH 289 14_654 ? ? ? ? ? ? ?            2.508 ? ? 
metalc11 metalc ? ? C CA .  CA  ? ? ? 1_555 D HOH .  O  ? ? A CA 102 A HOH 293 1_555  ? ? ? ? ? ? ?            2.344 ? ? 
hydrog1  hydrog ? ? A A  1  N1  ? ? ? 1_555 A U   16 N3 ? ? A A  1   A U   16  4_555  ? ? ? ? ? ? WATSON-CRICK ?     ? ? 
hydrog2  hydrog ? ? A A  1  N6  ? ? ? 1_555 A U   16 O4 ? ? A A  1   A U   16  4_555  ? ? ? ? ? ? WATSON-CRICK ?     ? ? 
hydrog3  hydrog ? ? A G  2  N1  ? ? ? 1_555 A C   15 N3 ? ? A G  2   A C   15  4_555  ? ? ? ? ? ? WATSON-CRICK ?     ? ? 
hydrog4  hydrog ? ? A G  2  N2  ? ? ? 1_555 A C   15 O2 ? ? A G  2   A C   15  4_555  ? ? ? ? ? ? WATSON-CRICK ?     ? ? 
hydrog5  hydrog ? ? A G  2  O6  ? ? ? 1_555 A C   15 N4 ? ? A G  2   A C   15  4_555  ? ? ? ? ? ? WATSON-CRICK ?     ? ? 
hydrog6  hydrog ? ? A A  3  N1  ? ? ? 1_555 A U   14 N3 ? ? A A  3   A U   14  4_555  ? ? ? ? ? ? WATSON-CRICK ?     ? ? 
hydrog7  hydrog ? ? A A  3  N6  ? ? ? 1_555 A U   14 O4 ? ? A A  3   A U   14  4_555  ? ? ? ? ? ? WATSON-CRICK ?     ? ? 
hydrog8  hydrog ? ? A G  4  N1  ? ? ? 1_555 A C   13 N3 ? ? A G  4   A C   13  4_555  ? ? ? ? ? ? WATSON-CRICK ?     ? ? 
hydrog9  hydrog ? ? A G  4  N2  ? ? ? 1_555 A C   13 O2 ? ? A G  4   A C   13  4_555  ? ? ? ? ? ? WATSON-CRICK ?     ? ? 
hydrog10 hydrog ? ? A G  4  O6  ? ? ? 1_555 A C   13 N4 ? ? A G  4   A C   13  4_555  ? ? ? ? ? ? WATSON-CRICK ?     ? ? 
hydrog11 hydrog ? ? A A  5  N1  ? ? ? 1_555 A U   12 N3 ? ? A A  5   A U   12  4_555  ? ? ? ? ? ? WATSON-CRICK ?     ? ? 
hydrog12 hydrog ? ? A A  5  N6  ? ? ? 1_555 A U   12 O4 ? ? A A  5   A U   12  4_555  ? ? ? ? ? ? WATSON-CRICK ?     ? ? 
hydrog13 hydrog ? ? A A  6  N1  ? ? ? 1_555 A U   11 N3 ? ? A A  6   A U   11  4_555  ? ? ? ? ? ? WATSON-CRICK ?     ? ? 
hydrog14 hydrog ? ? A A  6  N6  ? ? ? 1_555 A U   11 O4 ? ? A A  6   A U   11  4_555  ? ? ? ? ? ? WATSON-CRICK ?     ? ? 
hydrog15 hydrog ? ? A DG 7  N1  ? ? ? 1_555 A C   10 N3 ? ? A DG 7   A C   10  4_555  ? ? ? ? ? ? WATSON-CRICK ?     ? ? 
hydrog16 hydrog ? ? A DG 7  N2  ? ? ? 1_555 A C   10 O2 ? ? A DG 7   A C   10  4_555  ? ? ? ? ? ? WATSON-CRICK ?     ? ? 
hydrog17 hydrog ? ? A DG 7  O6  ? ? ? 1_555 A C   10 N4 ? ? A DG 7   A C   10  4_555  ? ? ? ? ? ? WATSON-CRICK ?     ? ? 
hydrog18 hydrog ? ? A A  8  N1  ? ? ? 1_555 A U   9  N3 ? ? A A  8   A U   9   4_555  ? ? ? ? ? ? WATSON-CRICK ?     ? ? 
hydrog19 hydrog ? ? A A  8  N6  ? ? ? 1_555 A U   9  O4 ? ? A A  8   A U   9   4_555  ? ? ? ? ? ? WATSON-CRICK ?     ? ? 
hydrog20 hydrog ? ? A U  9  N3  ? ? ? 1_555 A A   8  N1 ? ? A U  9   A A   8   4_555  ? ? ? ? ? ? WATSON-CRICK ?     ? ? 
hydrog21 hydrog ? ? A U  9  O4  ? ? ? 1_555 A A   8  N6 ? ? A U  9   A A   8   4_555  ? ? ? ? ? ? WATSON-CRICK ?     ? ? 
hydrog22 hydrog ? ? A C  10 N3  ? ? ? 1_555 A DG  7  N1 ? ? A C  10  A DG  7   4_555  ? ? ? ? ? ? WATSON-CRICK ?     ? ? 
hydrog23 hydrog ? ? A C  10 N4  ? ? ? 1_555 A DG  7  O6 ? ? A C  10  A DG  7   4_555  ? ? ? ? ? ? WATSON-CRICK ?     ? ? 
hydrog24 hydrog ? ? A C  10 O2  ? ? ? 1_555 A DG  7  N2 ? ? A C  10  A DG  7   4_555  ? ? ? ? ? ? WATSON-CRICK ?     ? ? 
hydrog25 hydrog ? ? A U  11 N3  ? ? ? 1_555 A A   6  N1 ? ? A U  11  A A   6   4_555  ? ? ? ? ? ? WATSON-CRICK ?     ? ? 
hydrog26 hydrog ? ? A U  11 O4  ? ? ? 1_555 A A   6  N6 ? ? A U  11  A A   6   4_555  ? ? ? ? ? ? WATSON-CRICK ?     ? ? 
hydrog27 hydrog ? ? A U  12 N3  ? ? ? 1_555 A A   5  N1 ? ? A U  12  A A   5   4_555  ? ? ? ? ? ? WATSON-CRICK ?     ? ? 
hydrog28 hydrog ? ? A U  12 O4  ? ? ? 1_555 A A   5  N6 ? ? A U  12  A A   5   4_555  ? ? ? ? ? ? WATSON-CRICK ?     ? ? 
hydrog29 hydrog ? ? A C  13 N3  ? ? ? 1_555 A G   4  N1 ? ? A C  13  A G   4   4_555  ? ? ? ? ? ? WATSON-CRICK ?     ? ? 
hydrog30 hydrog ? ? A C  13 N4  ? ? ? 1_555 A G   4  O6 ? ? A C  13  A G   4   4_555  ? ? ? ? ? ? WATSON-CRICK ?     ? ? 
hydrog31 hydrog ? ? A C  13 O2  ? ? ? 1_555 A G   4  N2 ? ? A C  13  A G   4   4_555  ? ? ? ? ? ? WATSON-CRICK ?     ? ? 
hydrog32 hydrog ? ? A U  14 N3  ? ? ? 1_555 A A   3  N1 ? ? A U  14  A A   3   4_555  ? ? ? ? ? ? WATSON-CRICK ?     ? ? 
hydrog33 hydrog ? ? A U  14 O4  ? ? ? 1_555 A A   3  N6 ? ? A U  14  A A   3   4_555  ? ? ? ? ? ? WATSON-CRICK ?     ? ? 
hydrog34 hydrog ? ? A C  15 N3  ? ? ? 1_555 A G   2  N1 ? ? A C  15  A G   2   4_555  ? ? ? ? ? ? WATSON-CRICK ?     ? ? 
hydrog35 hydrog ? ? A C  15 N4  ? ? ? 1_555 A G   2  O6 ? ? A C  15  A G   2   4_555  ? ? ? ? ? ? WATSON-CRICK ?     ? ? 
hydrog36 hydrog ? ? A C  15 O2  ? ? ? 1_555 A G   2  N2 ? ? A C  15  A G   2   4_555  ? ? ? ? ? ? WATSON-CRICK ?     ? ? 
hydrog37 hydrog ? ? A U  16 N3  ? ? ? 1_555 A A   1  N1 ? ? A U  16  A A   1   4_555  ? ? ? ? ? ? WATSON-CRICK ?     ? ? 
hydrog38 hydrog ? ? A U  16 O4  ? ? ? 1_555 A A   1  N6 ? ? A U  16  A A   1   4_555  ? ? ? ? ? ? WATSON-CRICK ?     ? ? 
# 
loop_
_struct_conn_type.id 
_struct_conn_type.criteria 
_struct_conn_type.reference 
metalc ? ? 
hydrog ? ? 
# 
loop_
_pdbx_struct_conn_angle.id 
_pdbx_struct_conn_angle.ptnr1_label_atom_id 
_pdbx_struct_conn_angle.ptnr1_label_alt_id 
_pdbx_struct_conn_angle.ptnr1_label_asym_id 
_pdbx_struct_conn_angle.ptnr1_label_comp_id 
_pdbx_struct_conn_angle.ptnr1_label_seq_id 
_pdbx_struct_conn_angle.ptnr1_auth_atom_id 
_pdbx_struct_conn_angle.ptnr1_auth_asym_id 
_pdbx_struct_conn_angle.ptnr1_auth_comp_id 
_pdbx_struct_conn_angle.ptnr1_auth_seq_id 
_pdbx_struct_conn_angle.ptnr1_PDB_ins_code 
_pdbx_struct_conn_angle.ptnr1_symmetry 
_pdbx_struct_conn_angle.ptnr2_label_atom_id 
_pdbx_struct_conn_angle.ptnr2_label_alt_id 
_pdbx_struct_conn_angle.ptnr2_label_asym_id 
_pdbx_struct_conn_angle.ptnr2_label_comp_id 
_pdbx_struct_conn_angle.ptnr2_label_seq_id 
_pdbx_struct_conn_angle.ptnr2_auth_atom_id 
_pdbx_struct_conn_angle.ptnr2_auth_asym_id 
_pdbx_struct_conn_angle.ptnr2_auth_comp_id 
_pdbx_struct_conn_angle.ptnr2_auth_seq_id 
_pdbx_struct_conn_angle.ptnr2_PDB_ins_code 
_pdbx_struct_conn_angle.ptnr2_symmetry 
_pdbx_struct_conn_angle.ptnr3_label_atom_id 
_pdbx_struct_conn_angle.ptnr3_label_alt_id 
_pdbx_struct_conn_angle.ptnr3_label_asym_id 
_pdbx_struct_conn_angle.ptnr3_label_comp_id 
_pdbx_struct_conn_angle.ptnr3_label_seq_id 
_pdbx_struct_conn_angle.ptnr3_auth_atom_id 
_pdbx_struct_conn_angle.ptnr3_auth_asym_id 
_pdbx_struct_conn_angle.ptnr3_auth_comp_id 
_pdbx_struct_conn_angle.ptnr3_auth_seq_id 
_pdbx_struct_conn_angle.ptnr3_PDB_ins_code 
_pdbx_struct_conn_angle.ptnr3_symmetry 
_pdbx_struct_conn_angle.value 
_pdbx_struct_conn_angle.value_esd 
1  OP1 ? A U   16 ? A U   16  ? 1_555  CA ? C CA . ? A CA 102 ? 1_555 O ? D HOH . ? A HOH 219 ? 16_554 170.4 ? 
2  OP1 ? A U   16 ? A U   16  ? 1_555  CA ? C CA . ? A CA 102 ? 1_555 O ? D HOH . ? A HOH 281 ? 1_555  84.6  ? 
3  O   ? D HOH .  ? A HOH 219 ? 16_554 CA ? C CA . ? A CA 102 ? 1_555 O ? D HOH . ? A HOH 281 ? 1_555  86.7  ? 
4  OP1 ? A U   16 ? A U   16  ? 1_555  CA ? C CA . ? A CA 102 ? 1_555 O ? D HOH . ? A HOH 289 ? 14_654 93.7  ? 
5  O   ? D HOH .  ? A HOH 219 ? 16_554 CA ? C CA . ? A CA 102 ? 1_555 O ? D HOH . ? A HOH 289 ? 14_654 90.8  ? 
6  O   ? D HOH .  ? A HOH 281 ? 1_555  CA ? C CA . ? A CA 102 ? 1_555 O ? D HOH . ? A HOH 289 ? 14_654 142.4 ? 
7  OP1 ? A U   16 ? A U   16  ? 1_555  CA ? C CA . ? A CA 102 ? 1_555 O ? D HOH . ? A HOH 293 ? 1_555  93.9  ? 
8  O   ? D HOH .  ? A HOH 219 ? 16_554 CA ? C CA . ? A CA 102 ? 1_555 O ? D HOH . ? A HOH 293 ? 1_555  95.5  ? 
9  O   ? D HOH .  ? A HOH 281 ? 1_555  CA ? C CA . ? A CA 102 ? 1_555 O ? D HOH . ? A HOH 293 ? 1_555  142.5 ? 
10 O   ? D HOH .  ? A HOH 289 ? 14_654 CA ? C CA . ? A CA 102 ? 1_555 O ? D HOH . ? A HOH 293 ? 1_555  75.1  ? 
11 O   ? D HOH .  ? A HOH 213 ? 1_555  CA ? B CA . ? A CA 101 ? 1_555 O ? D HOH . ? A HOH 228 ? 1_555  75.7  ? 
12 O   ? D HOH .  ? A HOH 213 ? 1_555  CA ? B CA . ? A CA 101 ? 1_555 O ? D HOH . ? A HOH 241 ? 1_555  125.6 ? 
13 O   ? D HOH .  ? A HOH 228 ? 1_555  CA ? B CA . ? A CA 101 ? 1_555 O ? D HOH . ? A HOH 241 ? 1_555  67.6  ? 
14 O   ? D HOH .  ? A HOH 213 ? 1_555  CA ? B CA . ? A CA 101 ? 1_555 O ? D HOH . ? A HOH 242 ? 1_555  75.0  ? 
15 O   ? D HOH .  ? A HOH 228 ? 1_555  CA ? B CA . ? A CA 101 ? 1_555 O ? D HOH . ? A HOH 242 ? 1_555  103.0 ? 
16 O   ? D HOH .  ? A HOH 241 ? 1_555  CA ? B CA . ? A CA 101 ? 1_555 O ? D HOH . ? A HOH 242 ? 1_555  75.8  ? 
17 O   ? D HOH .  ? A HOH 213 ? 1_555  CA ? B CA . ? A CA 101 ? 1_555 O ? D HOH . ? A HOH 297 ? 1_555  138.8 ? 
18 O   ? D HOH .  ? A HOH 228 ? 1_555  CA ? B CA . ? A CA 101 ? 1_555 O ? D HOH . ? A HOH 297 ? 1_555  66.9  ? 
19 O   ? D HOH .  ? A HOH 241 ? 1_555  CA ? B CA . ? A CA 101 ? 1_555 O ? D HOH . ? A HOH 297 ? 1_555  53.6  ? 
20 O   ? D HOH .  ? A HOH 242 ? 1_555  CA ? B CA . ? A CA 101 ? 1_555 O ? D HOH . ? A HOH 297 ? 1_555  128.9 ? 
21 O   ? D HOH .  ? A HOH 213 ? 1_555  CA ? B CA . ? A CA 101 ? 1_555 O ? D HOH . ? A HOH 306 ? 1_555  162.2 ? 
22 O   ? D HOH .  ? A HOH 228 ? 1_555  CA ? B CA . ? A CA 101 ? 1_555 O ? D HOH . ? A HOH 306 ? 1_555  121.7 ? 
23 O   ? D HOH .  ? A HOH 241 ? 1_555  CA ? B CA . ? A CA 101 ? 1_555 O ? D HOH . ? A HOH 306 ? 1_555  69.3  ? 
24 O   ? D HOH .  ? A HOH 242 ? 1_555  CA ? B CA . ? A CA 101 ? 1_555 O ? D HOH . ? A HOH 306 ? 1_555  102.5 ? 
25 O   ? D HOH .  ? A HOH 297 ? 1_555  CA ? B CA . ? A CA 101 ? 1_555 O ? D HOH . ? A HOH 306 ? 1_555  56.2  ? 
# 
_pdbx_entry_details.entry_id                   9OKX 
_pdbx_entry_details.nonpolymer_details         ? 
_pdbx_entry_details.sequence_details           ? 
_pdbx_entry_details.compound_details           ? 
_pdbx_entry_details.source_details             ? 
_pdbx_entry_details.has_ligand_of_interest     N 
_pdbx_entry_details.has_protein_modification   N 
# 
loop_
_pdbx_validate_close_contact.id 
_pdbx_validate_close_contact.PDB_model_num 
_pdbx_validate_close_contact.auth_atom_id_1 
_pdbx_validate_close_contact.auth_asym_id_1 
_pdbx_validate_close_contact.auth_comp_id_1 
_pdbx_validate_close_contact.auth_seq_id_1 
_pdbx_validate_close_contact.PDB_ins_code_1 
_pdbx_validate_close_contact.label_alt_id_1 
_pdbx_validate_close_contact.auth_atom_id_2 
_pdbx_validate_close_contact.auth_asym_id_2 
_pdbx_validate_close_contact.auth_comp_id_2 
_pdbx_validate_close_contact.auth_seq_id_2 
_pdbx_validate_close_contact.PDB_ins_code_2 
_pdbx_validate_close_contact.label_alt_id_2 
_pdbx_validate_close_contact.dist 
1 1 O A HOH 223 ? ? O A HOH 307 ? ? 2.07 
2 1 O A HOH 201 ? ? O A HOH 257 ? ? 2.17 
# 
_pdbx_validate_planes.id              1 
_pdbx_validate_planes.PDB_model_num   1 
_pdbx_validate_planes.auth_comp_id    C 
_pdbx_validate_planes.auth_asym_id    A 
_pdbx_validate_planes.auth_seq_id     15 
_pdbx_validate_planes.PDB_ins_code    ? 
_pdbx_validate_planes.label_alt_id    ? 
_pdbx_validate_planes.rmsd            0.061 
_pdbx_validate_planes.type            'SIDE CHAIN' 
# 
loop_
_pdbx_struct_special_symmetry.id 
_pdbx_struct_special_symmetry.PDB_model_num 
_pdbx_struct_special_symmetry.auth_asym_id 
_pdbx_struct_special_symmetry.auth_comp_id 
_pdbx_struct_special_symmetry.auth_seq_id 
_pdbx_struct_special_symmetry.PDB_ins_code 
_pdbx_struct_special_symmetry.label_asym_id 
_pdbx_struct_special_symmetry.label_comp_id 
_pdbx_struct_special_symmetry.label_seq_id 
1 1 A HOH 245 ? D HOH . 
2 1 A HOH 255 ? D HOH . 
3 1 A HOH 265 ? D HOH . 
4 1 A HOH 270 ? D HOH . 
5 1 A HOH 290 ? D HOH . 
# 
loop_
_chem_comp_atom.comp_id 
_chem_comp_atom.atom_id 
_chem_comp_atom.type_symbol 
_chem_comp_atom.pdbx_aromatic_flag 
_chem_comp_atom.pdbx_stereo_config 
_chem_comp_atom.pdbx_ordinal 
A   OP3    O  N N 1   
A   P      P  N N 2   
A   OP1    O  N N 3   
A   OP2    O  N N 4   
A   "O5'"  O  N N 5   
A   "C5'"  C  N N 6   
A   "C4'"  C  N R 7   
A   "O4'"  O  N N 8   
A   "C3'"  C  N S 9   
A   "O3'"  O  N N 10  
A   "C2'"  C  N R 11  
A   "O2'"  O  N N 12  
A   "C1'"  C  N R 13  
A   N9     N  Y N 14  
A   C8     C  Y N 15  
A   N7     N  Y N 16  
A   C5     C  Y N 17  
A   C6     C  Y N 18  
A   N6     N  N N 19  
A   N1     N  Y N 20  
A   C2     C  Y N 21  
A   N3     N  Y N 22  
A   C4     C  Y N 23  
A   HOP3   H  N N 24  
A   HOP2   H  N N 25  
A   "H5'"  H  N N 26  
A   "H5''" H  N N 27  
A   "H4'"  H  N N 28  
A   "H3'"  H  N N 29  
A   "HO3'" H  N N 30  
A   "H2'"  H  N N 31  
A   "HO2'" H  N N 32  
A   "H1'"  H  N N 33  
A   H8     H  N N 34  
A   H61    H  N N 35  
A   H62    H  N N 36  
A   H2     H  N N 37  
C   OP3    O  N N 38  
C   P      P  N N 39  
C   OP1    O  N N 40  
C   OP2    O  N N 41  
C   "O5'"  O  N N 42  
C   "C5'"  C  N N 43  
C   "C4'"  C  N R 44  
C   "O4'"  O  N N 45  
C   "C3'"  C  N S 46  
C   "O3'"  O  N N 47  
C   "C2'"  C  N R 48  
C   "O2'"  O  N N 49  
C   "C1'"  C  N R 50  
C   N1     N  N N 51  
C   C2     C  N N 52  
C   O2     O  N N 53  
C   N3     N  N N 54  
C   C4     C  N N 55  
C   N4     N  N N 56  
C   C5     C  N N 57  
C   C6     C  N N 58  
C   HOP3   H  N N 59  
C   HOP2   H  N N 60  
C   "H5'"  H  N N 61  
C   "H5''" H  N N 62  
C   "H4'"  H  N N 63  
C   "H3'"  H  N N 64  
C   "HO3'" H  N N 65  
C   "H2'"  H  N N 66  
C   "HO2'" H  N N 67  
C   "H1'"  H  N N 68  
C   H41    H  N N 69  
C   H42    H  N N 70  
C   H5     H  N N 71  
C   H6     H  N N 72  
CA  CA     CA N N 73  
DG  OP3    O  N N 74  
DG  P      P  N N 75  
DG  OP1    O  N N 76  
DG  OP2    O  N N 77  
DG  "O5'"  O  N N 78  
DG  "C5'"  C  N N 79  
DG  "C4'"  C  N R 80  
DG  "O4'"  O  N N 81  
DG  "C3'"  C  N S 82  
DG  "O3'"  O  N N 83  
DG  "C2'"  C  N N 84  
DG  "C1'"  C  N R 85  
DG  N9     N  Y N 86  
DG  C8     C  Y N 87  
DG  N7     N  Y N 88  
DG  C5     C  Y N 89  
DG  C6     C  N N 90  
DG  O6     O  N N 91  
DG  N1     N  N N 92  
DG  C2     C  N N 93  
DG  N2     N  N N 94  
DG  N3     N  N N 95  
DG  C4     C  Y N 96  
DG  HOP3   H  N N 97  
DG  HOP2   H  N N 98  
DG  "H5'"  H  N N 99  
DG  "H5''" H  N N 100 
DG  "H4'"  H  N N 101 
DG  "H3'"  H  N N 102 
DG  "HO3'" H  N N 103 
DG  "H2'"  H  N N 104 
DG  "H2''" H  N N 105 
DG  "H1'"  H  N N 106 
DG  H8     H  N N 107 
DG  H1     H  N N 108 
DG  H21    H  N N 109 
DG  H22    H  N N 110 
G   OP3    O  N N 111 
G   P      P  N N 112 
G   OP1    O  N N 113 
G   OP2    O  N N 114 
G   "O5'"  O  N N 115 
G   "C5'"  C  N N 116 
G   "C4'"  C  N R 117 
G   "O4'"  O  N N 118 
G   "C3'"  C  N S 119 
G   "O3'"  O  N N 120 
G   "C2'"  C  N R 121 
G   "O2'"  O  N N 122 
G   "C1'"  C  N R 123 
G   N9     N  Y N 124 
G   C8     C  Y N 125 
G   N7     N  Y N 126 
G   C5     C  Y N 127 
G   C6     C  N N 128 
G   O6     O  N N 129 
G   N1     N  N N 130 
G   C2     C  N N 131 
G   N2     N  N N 132 
G   N3     N  N N 133 
G   C4     C  Y N 134 
G   HOP3   H  N N 135 
G   HOP2   H  N N 136 
G   "H5'"  H  N N 137 
G   "H5''" H  N N 138 
G   "H4'"  H  N N 139 
G   "H3'"  H  N N 140 
G   "HO3'" H  N N 141 
G   "H2'"  H  N N 142 
G   "HO2'" H  N N 143 
G   "H1'"  H  N N 144 
G   H8     H  N N 145 
G   H1     H  N N 146 
G   H21    H  N N 147 
G   H22    H  N N 148 
HOH O      O  N N 149 
HOH H1     H  N N 150 
HOH H2     H  N N 151 
U   OP3    O  N N 152 
U   P      P  N N 153 
U   OP1    O  N N 154 
U   OP2    O  N N 155 
U   "O5'"  O  N N 156 
U   "C5'"  C  N N 157 
U   "C4'"  C  N R 158 
U   "O4'"  O  N N 159 
U   "C3'"  C  N S 160 
U   "O3'"  O  N N 161 
U   "C2'"  C  N R 162 
U   "O2'"  O  N N 163 
U   "C1'"  C  N R 164 
U   N1     N  N N 165 
U   C2     C  N N 166 
U   O2     O  N N 167 
U   N3     N  N N 168 
U   C4     C  N N 169 
U   O4     O  N N 170 
U   C5     C  N N 171 
U   C6     C  N N 172 
U   HOP3   H  N N 173 
U   HOP2   H  N N 174 
U   "H5'"  H  N N 175 
U   "H5''" H  N N 176 
U   "H4'"  H  N N 177 
U   "H3'"  H  N N 178 
U   "HO3'" H  N N 179 
U   "H2'"  H  N N 180 
U   "HO2'" H  N N 181 
U   "H1'"  H  N N 182 
U   H3     H  N N 183 
U   H5     H  N N 184 
U   H6     H  N N 185 
# 
loop_
_chem_comp_bond.comp_id 
_chem_comp_bond.atom_id_1 
_chem_comp_bond.atom_id_2 
_chem_comp_bond.value_order 
_chem_comp_bond.pdbx_aromatic_flag 
_chem_comp_bond.pdbx_stereo_config 
_chem_comp_bond.pdbx_ordinal 
A   OP3   P      sing N N 1   
A   OP3   HOP3   sing N N 2   
A   P     OP1    doub N N 3   
A   P     OP2    sing N N 4   
A   P     "O5'"  sing N N 5   
A   OP2   HOP2   sing N N 6   
A   "O5'" "C5'"  sing N N 7   
A   "C5'" "C4'"  sing N N 8   
A   "C5'" "H5'"  sing N N 9   
A   "C5'" "H5''" sing N N 10  
A   "C4'" "O4'"  sing N N 11  
A   "C4'" "C3'"  sing N N 12  
A   "C4'" "H4'"  sing N N 13  
A   "O4'" "C1'"  sing N N 14  
A   "C3'" "O3'"  sing N N 15  
A   "C3'" "C2'"  sing N N 16  
A   "C3'" "H3'"  sing N N 17  
A   "O3'" "HO3'" sing N N 18  
A   "C2'" "O2'"  sing N N 19  
A   "C2'" "C1'"  sing N N 20  
A   "C2'" "H2'"  sing N N 21  
A   "O2'" "HO2'" sing N N 22  
A   "C1'" N9     sing N N 23  
A   "C1'" "H1'"  sing N N 24  
A   N9    C8     sing Y N 25  
A   N9    C4     sing Y N 26  
A   C8    N7     doub Y N 27  
A   C8    H8     sing N N 28  
A   N7    C5     sing Y N 29  
A   C5    C6     sing Y N 30  
A   C5    C4     doub Y N 31  
A   C6    N6     sing N N 32  
A   C6    N1     doub Y N 33  
A   N6    H61    sing N N 34  
A   N6    H62    sing N N 35  
A   N1    C2     sing Y N 36  
A   C2    N3     doub Y N 37  
A   C2    H2     sing N N 38  
A   N3    C4     sing Y N 39  
C   OP3   P      sing N N 40  
C   OP3   HOP3   sing N N 41  
C   P     OP1    doub N N 42  
C   P     OP2    sing N N 43  
C   P     "O5'"  sing N N 44  
C   OP2   HOP2   sing N N 45  
C   "O5'" "C5'"  sing N N 46  
C   "C5'" "C4'"  sing N N 47  
C   "C5'" "H5'"  sing N N 48  
C   "C5'" "H5''" sing N N 49  
C   "C4'" "O4'"  sing N N 50  
C   "C4'" "C3'"  sing N N 51  
C   "C4'" "H4'"  sing N N 52  
C   "O4'" "C1'"  sing N N 53  
C   "C3'" "O3'"  sing N N 54  
C   "C3'" "C2'"  sing N N 55  
C   "C3'" "H3'"  sing N N 56  
C   "O3'" "HO3'" sing N N 57  
C   "C2'" "O2'"  sing N N 58  
C   "C2'" "C1'"  sing N N 59  
C   "C2'" "H2'"  sing N N 60  
C   "O2'" "HO2'" sing N N 61  
C   "C1'" N1     sing N N 62  
C   "C1'" "H1'"  sing N N 63  
C   N1    C2     sing N N 64  
C   N1    C6     sing N N 65  
C   C2    O2     doub N N 66  
C   C2    N3     sing N N 67  
C   N3    C4     doub N N 68  
C   C4    N4     sing N N 69  
C   C4    C5     sing N N 70  
C   N4    H41    sing N N 71  
C   N4    H42    sing N N 72  
C   C5    C6     doub N N 73  
C   C5    H5     sing N N 74  
C   C6    H6     sing N N 75  
DG  OP3   P      sing N N 76  
DG  OP3   HOP3   sing N N 77  
DG  P     OP1    doub N N 78  
DG  P     OP2    sing N N 79  
DG  P     "O5'"  sing N N 80  
DG  OP2   HOP2   sing N N 81  
DG  "O5'" "C5'"  sing N N 82  
DG  "C5'" "C4'"  sing N N 83  
DG  "C5'" "H5'"  sing N N 84  
DG  "C5'" "H5''" sing N N 85  
DG  "C4'" "O4'"  sing N N 86  
DG  "C4'" "C3'"  sing N N 87  
DG  "C4'" "H4'"  sing N N 88  
DG  "O4'" "C1'"  sing N N 89  
DG  "C3'" "O3'"  sing N N 90  
DG  "C3'" "C2'"  sing N N 91  
DG  "C3'" "H3'"  sing N N 92  
DG  "O3'" "HO3'" sing N N 93  
DG  "C2'" "C1'"  sing N N 94  
DG  "C2'" "H2'"  sing N N 95  
DG  "C2'" "H2''" sing N N 96  
DG  "C1'" N9     sing N N 97  
DG  "C1'" "H1'"  sing N N 98  
DG  N9    C8     sing Y N 99  
DG  N9    C4     sing Y N 100 
DG  C8    N7     doub Y N 101 
DG  C8    H8     sing N N 102 
DG  N7    C5     sing Y N 103 
DG  C5    C6     sing N N 104 
DG  C5    C4     doub Y N 105 
DG  C6    O6     doub N N 106 
DG  C6    N1     sing N N 107 
DG  N1    C2     sing N N 108 
DG  N1    H1     sing N N 109 
DG  C2    N2     sing N N 110 
DG  C2    N3     doub N N 111 
DG  N2    H21    sing N N 112 
DG  N2    H22    sing N N 113 
DG  N3    C4     sing N N 114 
G   OP3   P      sing N N 115 
G   OP3   HOP3   sing N N 116 
G   P     OP1    doub N N 117 
G   P     OP2    sing N N 118 
G   P     "O5'"  sing N N 119 
G   OP2   HOP2   sing N N 120 
G   "O5'" "C5'"  sing N N 121 
G   "C5'" "C4'"  sing N N 122 
G   "C5'" "H5'"  sing N N 123 
G   "C5'" "H5''" sing N N 124 
G   "C4'" "O4'"  sing N N 125 
G   "C4'" "C3'"  sing N N 126 
G   "C4'" "H4'"  sing N N 127 
G   "O4'" "C1'"  sing N N 128 
G   "C3'" "O3'"  sing N N 129 
G   "C3'" "C2'"  sing N N 130 
G   "C3'" "H3'"  sing N N 131 
G   "O3'" "HO3'" sing N N 132 
G   "C2'" "O2'"  sing N N 133 
G   "C2'" "C1'"  sing N N 134 
G   "C2'" "H2'"  sing N N 135 
G   "O2'" "HO2'" sing N N 136 
G   "C1'" N9     sing N N 137 
G   "C1'" "H1'"  sing N N 138 
G   N9    C8     sing Y N 139 
G   N9    C4     sing Y N 140 
G   C8    N7     doub Y N 141 
G   C8    H8     sing N N 142 
G   N7    C5     sing Y N 143 
G   C5    C6     sing N N 144 
G   C5    C4     doub Y N 145 
G   C6    O6     doub N N 146 
G   C6    N1     sing N N 147 
G   N1    C2     sing N N 148 
G   N1    H1     sing N N 149 
G   C2    N2     sing N N 150 
G   C2    N3     doub N N 151 
G   N2    H21    sing N N 152 
G   N2    H22    sing N N 153 
G   N3    C4     sing N N 154 
HOH O     H1     sing N N 155 
HOH O     H2     sing N N 156 
U   OP3   P      sing N N 157 
U   OP3   HOP3   sing N N 158 
U   P     OP1    doub N N 159 
U   P     OP2    sing N N 160 
U   P     "O5'"  sing N N 161 
U   OP2   HOP2   sing N N 162 
U   "O5'" "C5'"  sing N N 163 
U   "C5'" "C4'"  sing N N 164 
U   "C5'" "H5'"  sing N N 165 
U   "C5'" "H5''" sing N N 166 
U   "C4'" "O4'"  sing N N 167 
U   "C4'" "C3'"  sing N N 168 
U   "C4'" "H4'"  sing N N 169 
U   "O4'" "C1'"  sing N N 170 
U   "C3'" "O3'"  sing N N 171 
U   "C3'" "C2'"  sing N N 172 
U   "C3'" "H3'"  sing N N 173 
U   "O3'" "HO3'" sing N N 174 
U   "C2'" "O2'"  sing N N 175 
U   "C2'" "C1'"  sing N N 176 
U   "C2'" "H2'"  sing N N 177 
U   "O2'" "HO2'" sing N N 178 
U   "C1'" N1     sing N N 179 
U   "C1'" "H1'"  sing N N 180 
U   N1    C2     sing N N 181 
U   N1    C6     sing N N 182 
U   C2    O2     doub N N 183 
U   C2    N3     sing N N 184 
U   N3    C4     sing N N 185 
U   N3    H3     sing N N 186 
U   C4    O4     doub N N 187 
U   C4    C5     sing N N 188 
U   C5    C6     doub N N 189 
U   C5    H5     sing N N 190 
U   C6    H6     sing N N 191 
# 
_ndb_struct_conf_na.entry_id   9OKX 
_ndb_struct_conf_na.feature    'a-form double helix' 
# 
loop_
_ndb_struct_na_base_pair.model_number 
_ndb_struct_na_base_pair.i_label_asym_id 
_ndb_struct_na_base_pair.i_label_comp_id 
_ndb_struct_na_base_pair.i_label_seq_id 
_ndb_struct_na_base_pair.i_symmetry 
_ndb_struct_na_base_pair.j_label_asym_id 
_ndb_struct_na_base_pair.j_label_comp_id 
_ndb_struct_na_base_pair.j_label_seq_id 
_ndb_struct_na_base_pair.j_symmetry 
_ndb_struct_na_base_pair.shear 
_ndb_struct_na_base_pair.stretch 
_ndb_struct_na_base_pair.stagger 
_ndb_struct_na_base_pair.buckle 
_ndb_struct_na_base_pair.propeller 
_ndb_struct_na_base_pair.opening 
_ndb_struct_na_base_pair.pair_number 
_ndb_struct_na_base_pair.pair_name 
_ndb_struct_na_base_pair.i_auth_asym_id 
_ndb_struct_na_base_pair.i_auth_seq_id 
_ndb_struct_na_base_pair.i_PDB_ins_code 
_ndb_struct_na_base_pair.j_auth_asym_id 
_ndb_struct_na_base_pair.j_auth_seq_id 
_ndb_struct_na_base_pair.j_PDB_ins_code 
_ndb_struct_na_base_pair.hbond_type_28 
_ndb_struct_na_base_pair.hbond_type_12 
1 A A  1  1_555 A U  16 4_555 -0.022 -0.082 0.079  -0.536 -9.242  0.604  1  A_A1:U16_A  A 1  ? A 16 ? 20 1 
1 A G  2  1_555 A C  15 4_555 -0.178 -0.183 -0.084 -3.689 -15.526 -1.647 2  A_G2:C15_A  A 2  ? A 15 ? 19 1 
1 A A  3  1_555 A U  14 4_555 0.104  -0.080 -0.005 -3.855 -14.392 2.627  3  A_A3:U14_A  A 3  ? A 14 ? 20 1 
1 A G  4  1_555 A C  13 4_555 -0.357 -0.141 -0.144 -1.362 -8.837  -1.122 4  A_G4:C13_A  A 4  ? A 13 ? 19 1 
1 A A  5  1_555 A U  12 4_555 0.069  -0.168 -0.081 -0.848 -7.560  1.385  5  A_A5:U12_A  A 5  ? A 12 ? 20 1 
1 A A  6  1_555 A U  11 4_555 -0.022 -0.085 -0.097 -8.342 -14.817 2.426  6  A_A6:U11_A  A 6  ? A 11 ? 20 1 
1 A DG 7  1_555 A C  10 4_555 -0.145 -0.116 0.041  -4.981 -8.529  -0.076 7  A_DG7:C10_A A 7  ? A 10 ? 19 1 
1 A A  8  1_555 A U  9  4_555 0.013  -0.123 0.013  -0.525 -13.340 -0.292 8  A_A8:U9_A   A 8  ? A 9  ? 20 1 
1 A U  9  1_555 A A  8  4_555 -0.013 -0.123 0.013  0.525  -13.340 -0.292 9  A_U9:A8_A   A 9  ? A 8  ? 20 1 
1 A C  10 1_555 A DG 7  4_555 0.145  -0.116 0.041  4.981  -8.529  -0.076 10 A_C10:DG7_A A 10 ? A 7  ? 19 1 
1 A U  11 1_555 A A  6  4_555 0.022  -0.085 -0.097 8.342  -14.817 2.426  11 A_U11:A6_A  A 11 ? A 6  ? 20 1 
1 A U  12 1_555 A A  5  4_555 -0.069 -0.168 -0.081 0.848  -7.560  1.385  12 A_U12:A5_A  A 12 ? A 5  ? 20 1 
1 A C  13 1_555 A G  4  4_555 0.357  -0.141 -0.144 1.362  -8.837  -1.122 13 A_C13:G4_A  A 13 ? A 4  ? 19 1 
1 A U  14 1_555 A A  3  4_555 -0.104 -0.080 -0.005 3.855  -14.392 2.627  14 A_U14:A3_A  A 14 ? A 3  ? 20 1 
1 A C  15 1_555 A G  2  4_555 0.178  -0.183 -0.084 3.689  -15.526 -1.647 15 A_C15:G2_A  A 15 ? A 2  ? 19 1 
1 A U  16 1_555 A A  1  4_555 0.022  -0.082 0.079  0.536  -9.242  0.604  16 A_U16:A1_A  A 16 ? A 1  ? 20 1 
# 
loop_
_ndb_struct_na_base_pair_step.model_number 
_ndb_struct_na_base_pair_step.i_label_asym_id_1 
_ndb_struct_na_base_pair_step.i_label_comp_id_1 
_ndb_struct_na_base_pair_step.i_label_seq_id_1 
_ndb_struct_na_base_pair_step.i_symmetry_1 
_ndb_struct_na_base_pair_step.j_label_asym_id_1 
_ndb_struct_na_base_pair_step.j_label_comp_id_1 
_ndb_struct_na_base_pair_step.j_label_seq_id_1 
_ndb_struct_na_base_pair_step.j_symmetry_1 
_ndb_struct_na_base_pair_step.i_label_asym_id_2 
_ndb_struct_na_base_pair_step.i_label_comp_id_2 
_ndb_struct_na_base_pair_step.i_label_seq_id_2 
_ndb_struct_na_base_pair_step.i_symmetry_2 
_ndb_struct_na_base_pair_step.j_label_asym_id_2 
_ndb_struct_na_base_pair_step.j_label_comp_id_2 
_ndb_struct_na_base_pair_step.j_label_seq_id_2 
_ndb_struct_na_base_pair_step.j_symmetry_2 
_ndb_struct_na_base_pair_step.shift 
_ndb_struct_na_base_pair_step.slide 
_ndb_struct_na_base_pair_step.rise 
_ndb_struct_na_base_pair_step.tilt 
_ndb_struct_na_base_pair_step.roll 
_ndb_struct_na_base_pair_step.twist 
_ndb_struct_na_base_pair_step.x_displacement 
_ndb_struct_na_base_pair_step.y_displacement 
_ndb_struct_na_base_pair_step.helical_rise 
_ndb_struct_na_base_pair_step.inclination 
_ndb_struct_na_base_pair_step.tip 
_ndb_struct_na_base_pair_step.helical_twist 
_ndb_struct_na_base_pair_step.step_number 
_ndb_struct_na_base_pair_step.step_name 
_ndb_struct_na_base_pair_step.i_auth_asym_id_1 
_ndb_struct_na_base_pair_step.i_auth_seq_id_1 
_ndb_struct_na_base_pair_step.i_PDB_ins_code_1 
_ndb_struct_na_base_pair_step.j_auth_asym_id_1 
_ndb_struct_na_base_pair_step.j_auth_seq_id_1 
_ndb_struct_na_base_pair_step.j_PDB_ins_code_1 
_ndb_struct_na_base_pair_step.i_auth_asym_id_2 
_ndb_struct_na_base_pair_step.i_auth_seq_id_2 
_ndb_struct_na_base_pair_step.i_PDB_ins_code_2 
_ndb_struct_na_base_pair_step.j_auth_asym_id_2 
_ndb_struct_na_base_pair_step.j_auth_seq_id_2 
_ndb_struct_na_base_pair_step.j_PDB_ins_code_2 
1 A A  1  1_555 A U  16 4_555 A G  2  1_555 A C  15 4_555 -0.602 -1.106 3.276 -1.240 7.212  34.218 -2.897 0.820  3.007 12.086 
2.079  34.969 1  AA_A1G2:C15U16_AA  A 1  ? A 16 ? A 2  ? A 15 ? 
1 A G  2  1_555 A C  15 4_555 A A  3  1_555 A U  14 4_555 0.766  -1.298 3.207 0.837  6.263  33.815 -3.123 -1.171 2.944 10.651 
-1.424 34.383 2  AA_G2A3:U14C15_AA  A 2  ? A 15 ? A 3  ? A 14 ? 
1 A A  3  1_555 A U  14 4_555 A G  4  1_555 A C  13 4_555 -0.707 -1.443 3.146 -1.829 11.033 31.348 -4.179 0.961  2.543 19.652 
3.258  33.236 3  AA_A3G4:C13U14_AA  A 3  ? A 14 ? A 4  ? A 13 ? 
1 A G  4  1_555 A C  13 4_555 A A  5  1_555 A U  12 4_555 0.349  -1.486 3.278 -0.951 9.901  30.059 -4.432 -0.805 2.655 18.465 
1.773  31.626 4  AA_G4A5:U12C13_AA  A 4  ? A 13 ? A 5  ? A 12 ? 
1 A A  5  1_555 A U  12 4_555 A A  6  1_555 A U  11 4_555 0.813  -1.804 3.398 3.699  13.990 33.928 -4.666 -0.809 2.555 22.734 
-6.011 36.802 5  AA_A5A6:U11U12_AA  A 5  ? A 12 ? A 6  ? A 11 ? 
1 A A  6  1_555 A U  11 4_555 A DG 7  1_555 A C  10 4_555 -0.193 -2.176 3.116 -0.441 9.409  24.791 -6.825 0.324  2.162 20.973 
0.982  26.494 6  AA_A6DG7:C10U11_AA A 6  ? A 11 ? A 7  ? A 10 ? 
1 A DG 7  1_555 A C  10 4_555 A A  8  1_555 A U  9  4_555 -0.587 -1.434 3.155 0.037  5.205  32.760 -3.328 1.034  2.898 9.155  
-0.064 33.159 7  AA_DG7A8:U9C10_AA  A 7  ? A 10 ? A 8  ? A 9  ? 
1 A A  8  1_555 A U  9  4_555 A U  9  1_555 A A  8  4_555 0.000  -1.083 3.233 0.000  8.372  30.471 -3.460 0.000  2.843 15.564 
0.000  31.574 8  AA_A8U9:A8U9_AA    A 8  ? A 9  ? A 9  ? A 8  ? 
1 A U  9  1_555 A A  8  4_555 A C  10 1_555 A DG 7  4_555 0.587  -1.434 3.155 -0.037 5.205  32.760 -3.328 -1.034 2.898 9.155  
0.064  33.159 9  AA_U9C10:DG7A8_AA  A 9  ? A 8  ? A 10 ? A 7  ? 
1 A C  10 1_555 A DG 7  4_555 A U  11 1_555 A A  6  4_555 0.193  -2.176 3.116 0.441  9.409  24.791 -6.825 -0.324 2.162 20.973 
-0.982 26.494 10 AA_C10U11:A6DG7_AA A 10 ? A 7  ? A 11 ? A 6  ? 
1 A U  11 1_555 A A  6  4_555 A U  12 1_555 A A  5  4_555 -0.813 -1.804 3.398 -3.699 13.990 33.928 -4.666 0.809  2.555 22.734 
6.011  36.802 11 AA_U11U12:A5A6_AA  A 11 ? A 6  ? A 12 ? A 5  ? 
1 A U  12 1_555 A A  5  4_555 A C  13 1_555 A G  4  4_555 -0.349 -1.486 3.278 0.951  9.901  30.059 -4.432 0.805  2.655 18.465 
-1.773 31.626 12 AA_U12C13:G4A5_AA  A 12 ? A 5  ? A 13 ? A 4  ? 
1 A C  13 1_555 A G  4  4_555 A U  14 1_555 A A  3  4_555 0.707  -1.443 3.146 1.829  11.033 31.348 -4.179 -0.961 2.543 19.652 
-3.258 33.236 13 AA_C13U14:A3G4_AA  A 13 ? A 4  ? A 14 ? A 3  ? 
1 A U  14 1_555 A A  3  4_555 A C  15 1_555 A G  2  4_555 -0.766 -1.298 3.207 -0.837 6.263  33.815 -3.123 1.171  2.944 10.651 
1.424  34.383 14 AA_U14C15:G2A3_AA  A 14 ? A 3  ? A 15 ? A 2  ? 
1 A C  15 1_555 A G  2  4_555 A U  16 1_555 A A  1  4_555 0.602  -1.106 3.276 1.240  7.212  34.218 -2.897 -0.820 3.007 12.086 
-2.079 34.969 15 AA_C15U16:A1G2_AA  A 15 ? A 2  ? A 16 ? A 1  ? 
# 
loop_
_pdbx_audit_support.funding_organization 
_pdbx_audit_support.country 
_pdbx_audit_support.grant_number 
_pdbx_audit_support.ordinal 
'National Science Foundation (NSF, United States)' 'United States' 2104708 1 
'Howard Hughes Medical Institute (HHMI)'           'United States' ?       2 
# 
_pdbx_initial_refinement_model.id               1 
_pdbx_initial_refinement_model.entity_id_list   ? 
_pdbx_initial_refinement_model.type             'experimental model' 
_pdbx_initial_refinement_model.source_name      PDB 
_pdbx_initial_refinement_model.accession_code   3ND4 
_pdbx_initial_refinement_model.details          ? 
# 
_atom_sites.entry_id                    9OKX 
_atom_sites.Cartn_transf_matrix[1][1]   ? 
_atom_sites.Cartn_transf_matrix[1][2]   ? 
_atom_sites.Cartn_transf_matrix[1][3]   ? 
_atom_sites.Cartn_transf_matrix[2][1]   ? 
_atom_sites.Cartn_transf_matrix[2][2]   ? 
_atom_sites.Cartn_transf_matrix[2][3]   ? 
_atom_sites.Cartn_transf_matrix[3][1]   ? 
_atom_sites.Cartn_transf_matrix[3][2]   ? 
_atom_sites.Cartn_transf_matrix[3][3]   ? 
_atom_sites.Cartn_transf_vector[1]      ? 
_atom_sites.Cartn_transf_vector[2]      ? 
_atom_sites.Cartn_transf_vector[3]      ? 
_atom_sites.Cartn_transform_axes        ? 
_atom_sites.fract_transf_matrix[1][1]   0.02162514 
_atom_sites.fract_transf_matrix[1][2]   0.01696214 
_atom_sites.fract_transf_matrix[1][3]   0.00428947 
_atom_sites.fract_transf_matrix[2][1]   0.00684890 
_atom_sites.fract_transf_matrix[2][2]   0.01893109 
_atom_sites.fract_transf_matrix[2][3]   -0.01919614 
_atom_sites.fract_transf_matrix[3][1]   -0.00487122 
_atom_sites.fract_transf_matrix[3][2]   0.00532247 
_atom_sites.fract_transf_matrix[3][3]   0.00351100 
_atom_sites.fract_transf_vector[1]      0.415729 
_atom_sites.fract_transf_vector[2]      0.441107 
_atom_sites.fract_transf_vector[3]      -0.011646 
_atom_sites.solution_primary            ? 
_atom_sites.solution_secondary          ? 
_atom_sites.solution_hydrogens          ? 
_atom_sites.special_details             ? 
# 
loop_
_atom_type.symbol 
_atom_type.pdbx_scat_Z 
_atom_type.pdbx_N_electrons 
_atom_type.scat_Cromer_Mann_a1 
_atom_type.scat_Cromer_Mann_b1 
_atom_type.scat_Cromer_Mann_a2 
_atom_type.scat_Cromer_Mann_b2 
_atom_type.scat_Cromer_Mann_a3 
_atom_type.scat_Cromer_Mann_b3 
_atom_type.scat_Cromer_Mann_a4 
_atom_type.scat_Cromer_Mann_b4 
_atom_type.scat_Cromer_Mann_c 
C  6  6  2.3103  20.8439 1.0201 10.2075 1.5888 0.5687  0.8651 51.6512  0.2156   
CA 20 20 8.6266  10.4421 7.3873 0.6599  1.5899 85.7484 1.0211 178.4370 1.3751   
H  1  1  0.4930  10.5109 0.3229 26.1257 0.1402 3.1424  0.0408 57.7997  0.0030   
N  7  7  12.2220 0.0057  3.1346 9.8933  2.0141 28.9975 1.1672 0.5826   -11.5379 
O  8  8  3.0487  13.2771 2.2870 5.7011  1.5464 0.3239  0.8671 32.9089  0.2508   
P  15 15 6.4348  1.9067  4.1793 27.1570 1.7801 0.5260  1.4909 68.1645  1.1150   
# 
loop_
_atom_site.group_PDB 
_atom_site.id 
_atom_site.type_symbol 
_atom_site.label_atom_id 
_atom_site.label_alt_id 
_atom_site.label_comp_id 
_atom_site.label_asym_id 
_atom_site.label_entity_id 
_atom_site.label_seq_id 
_atom_site.pdbx_PDB_ins_code 
_atom_site.Cartn_x 
_atom_site.Cartn_y 
_atom_site.Cartn_z 
_atom_site.occupancy 
_atom_site.B_iso_or_equiv 
_atom_site.pdbx_formal_charge 
_atom_site.auth_seq_id 
_atom_site.auth_comp_id 
_atom_site.auth_asym_id 
_atom_site.auth_atom_id 
_atom_site.pdbx_PDB_model_num 
_atom_site.calc_flag 
ATOM   1   O  "O5'" . A   A 1 1  ? -16.515 7.425   5.602   1.000 18.416 0 1   A   A "O5'" 1 ? 
ATOM   2   C  "C5'" . A   A 1 1  ? -17.326 7.426   4.409   1.000 13.894 0 1   A   A "C5'" 1 ? 
ATOM   3   C  "C4'" . A   A 1 1  ? -17.300 8.749   3.676   1.000 12.819 0 1   A   A "C4'" 1 ? 
ATOM   4   O  "O4'" . A   A 1 1  ? -17.729 9.829   4.532   1.000 11.889 0 1   A   A "O4'" 1 ? 
ATOM   5   C  "C3'" . A   A 1 1  ? -15.937 9.198   3.164   1.000 10.738 0 1   A   A "C3'" 1 ? 
ATOM   6   O  "O3'" . A   A 1 1  ? -15.677 8.616   1.894   1.000 11.576 0 1   A   A "O3'" 1 ? 
ATOM   7   C  "C2'" . A   A 1 1  ? -16.140 10.698  3.023   1.000 11.097 0 1   A   A "C2'" 1 ? 
ATOM   8   O  "O2'" . A   A 1 1  ? -16.943 11.011  1.906   1.000 11.650 0 1   A   A "O2'" 1 ? 
ATOM   9   C  "C1'" . A   A 1 1  ? -16.921 10.971  4.296   1.000 10.238 0 1   A   A "C1'" 1 ? 
ATOM   10  N  N9    . A   A 1 1  ? -16.133 11.214  5.494   1.000 8.840  0 1   A   A N9    1 ? 
ATOM   11  C  C8    . A   A 1 1  ? -16.015 10.409  6.595   1.000 8.955  0 1   A   A C8    1 ? 
ATOM   12  N  N7    . A   A 1 1  ? -15.374 10.961  7.583   1.000 10.251 0 1   A   A N7    1 ? 
ATOM   13  C  C5    . A   A 1 1  ? -14.997 12.205  7.085   1.000 8.487  0 1   A   A C5    1 ? 
ATOM   14  C  C6    . A   A 1 1  ? -14.320 13.294  7.658   1.000 8.012  0 1   A   A C6    1 ? 
ATOM   15  N  N6    . A   A 1 1  ? -13.842 13.325  8.889   1.000 7.962  0 1   A   A N6    1 ? 
ATOM   16  N  N1    . A   A 1 1  ? -14.144 14.398  6.899   1.000 8.290  0 1   A   A N1    1 ? 
ATOM   17  C  C2    . A   A 1 1  ? -14.626 14.399  5.659   1.000 8.399  0 1   A   A C2    1 ? 
ATOM   18  N  N3    . A   A 1 1  ? -15.326 13.456  5.029   1.000 8.627  0 1   A   A N3    1 ? 
ATOM   19  C  C4    . A   A 1 1  ? -15.461 12.368  5.801   1.000 8.520  0 1   A   A C4    1 ? 
ATOM   20  P  P     . G   A 1 2  ? -14.187 8.226   1.462   1.000 11.246 0 2   G   A P     1 ? 
ATOM   21  O  OP1   . G   A 1 2  ? -14.350 7.401   0.225   1.000 13.763 0 2   G   A OP1   1 ? 
ATOM   22  O  OP2   . G   A 1 2  ? -13.462 7.692   2.633   1.000 12.612 0 2   G   A OP2   1 ? 
ATOM   23  O  "O5'" . G   A 1 2  ? -13.514 9.623   1.118   1.000 10.385 0 2   G   A "O5'" 1 ? 
ATOM   24  C  "C5'" . G   A 1 2  ? -13.902 10.340  -0.055  1.000 10.302 0 2   G   A "C5'" 1 ? 
ATOM   25  C  "C4'" . G   A 1 2  ? -13.211 11.680  -0.038  1.000 10.303 0 2   G   A "C4'" 1 ? 
ATOM   26  O  "O4'" . G   A 1 2  ? -13.736 12.478  1.054   1.000 10.320 0 2   G   A "O4'" 1 ? 
ATOM   27  C  "C3'" . G   A 1 2  ? -11.705 11.649  0.221   1.000 10.825 0 2   G   A "C3'" 1 ? 
ATOM   28  O  "O3'" . G   A 1 2  ? -10.951 11.307  -0.925  1.000 11.197 0 2   G   A "O3'" 1 ? 
ATOM   29  C  "C2'" . G   A 1 2  ? -11.495 13.099  0.636   1.000 11.220 0 2   G   A "C2'" 1 ? 
ATOM   30  O  "O2'" . G   A 1 2  ? -11.526 14.005  -0.435  1.000 11.734 0 2   G   A "O2'" 1 ? 
ATOM   31  C  "C1'" . G   A 1 2  ? -12.683 13.302  1.562   1.000 9.852  0 2   G   A "C1'" 1 ? 
ATOM   32  N  N9    . G   A 1 2  ? -12.381 12.885  2.917   1.000 8.949  0 2   G   A N9    1 ? 
ATOM   33  C  C8    . G   A 1 2  ? -12.726 11.701  3.515   1.000 8.797  0 2   G   A C8    1 ? 
ATOM   34  N  N7    . G   A 1 2  ? -12.358 11.609  4.760   1.000 9.438  0 2   G   A N7    1 ? 
ATOM   35  C  C5    . G   A 1 2  ? -11.737 12.822  5.021   1.000 8.378  0 2   G   A C5    1 ? 
ATOM   36  C  C6    . G   A 1 2  ? -11.121 13.292  6.188   1.000 8.183  0 2   G   A C6    1 ? 
ATOM   37  O  O6    . G   A 1 2  ? -11.032 12.748  7.285   1.000 9.200  0 2   G   A O6    1 ? 
ATOM   38  N  N1    . G   A 1 2  ? -10.559 14.544  5.992   1.000 7.994  0 2   G   A N1    1 ? 
ATOM   39  C  C2    . G   A 1 2  ? -10.618 15.280  4.833   1.000 8.750  0 2   G   A C2    1 ? 
ATOM   40  N  N2    . G   A 1 2  ? -9.951  16.455  4.821   1.000 9.878  0 2   G   A N2    1 ? 
ATOM   41  N  N3    . G   A 1 2  ? -11.230 14.850  3.724   1.000 8.611  0 2   G   A N3    1 ? 
ATOM   42  C  C4    . G   A 1 2  ? -11.757 13.614  3.899   1.000 8.760  0 2   G   A C4    1 ? 
ATOM   43  P  P     . A   A 1 3  ? -9.556  10.537  -0.797  1.000 11.194 0 3   A   A P     1 ? 
ATOM   44  O  OP1   . A   A 1 3  ? -9.058  10.282  -2.188  1.000 14.335 0 3   A   A OP1   1 ? 
ATOM   45  O  OP2   . A   A 1 3  ? -9.652  9.440   0.174   1.000 11.780 0 3   A   A OP2   1 ? 
ATOM   46  O  "O5'" . A   A 1 3  ? -8.621  11.650  -0.120  1.000 10.561 0 3   A   A "O5'" 1 ? 
ATOM   47  C  "C5'" . A   A 1 3  ? -8.314  12.876  -0.831  1.000 10.269 0 3   A   A "C5'" 1 ? 
ATOM   48  C  "C4'" . A   A 1 3  ? -7.612  13.795  0.135   1.000 9.778  0 3   A   A "C4'" 1 ? 
ATOM   49  O  "O4'" . A   A 1 3  ? -8.461  14.083  1.269   1.000 9.052  0 3   A   A "O4'" 1 ? 
ATOM   50  C  "C3'" . A   A 1 3  ? -6.337  13.259  0.762   1.000 9.917  0 3   A   A "C3'" 1 ? 
ATOM   51  O  "O3'" . A   A 1 3  ? -5.267  13.326  -0.157  1.000 10.590 0 3   A   A "O3'" 1 ? 
ATOM   52  C  "C2'" . A   A 1 3  ? -6.214  14.214  1.946   1.000 9.710  0 3   A   A "C2'" 1 ? 
ATOM   53  O  "O2'" . A   A 1 3  ? -5.733  15.492  1.561   1.000 11.024 0 3   A   A "O2'" 1 ? 
ATOM   54  C  "C1'" . A   A 1 3  ? -7.655  14.271  2.422   1.000 8.565  0 3   A   A "C1'" 1 ? 
ATOM   55  N  N9    . A   A 1 3  ? -7.997  13.244  3.393   1.000 8.234  0 3   A   A N9    1 ? 
ATOM   56  C  C8    . A   A 1 3  ? -8.682  12.075  3.202   1.000 8.280  0 3   A   A C8    1 ? 
ATOM   57  N  N7    . A   A 1 3  ? -8.782  11.370  4.292   1.000 8.456  0 3   A   A N7    1 ? 
ATOM   58  C  C5    . A   A 1 3  ? -8.190  12.141  5.272   1.000 7.995  0 3   A   A C5    1 ? 
ATOM   59  C  C6    . A   A 1 3  ? -8.037  11.965  6.658   1.000 8.203  0 3   A   A C6    1 ? 
ATOM   60  N  N6    . A   A 1 3  ? -8.509  10.938  7.363   1.000 9.576  0 3   A   A N6    1 ? 
ATOM   61  N  N1    . A   A 1 3  ? -7.388  12.931  7.338   1.000 8.499  0 3   A   A N1    1 ? 
ATOM   62  C  C2    . A   A 1 3  ? -6.945  14.008  6.688   1.000 8.487  0 3   A   A C2    1 ? 
ATOM   63  N  N3    . A   A 1 3  ? -7.047  14.294  5.381   1.000 8.957  0 3   A   A N3    1 ? 
ATOM   64  C  C4    . A   A 1 3  ? -7.681  13.302  4.727   1.000 8.430  0 3   A   A C4    1 ? 
ATOM   65  P  P     . G   A 1 4  ? -3.996  12.403  0.050   1.000 11.414 0 4   G   A P     1 ? 
ATOM   66  O  OP1   . G   A 1 4  ? -3.197  12.564  -1.218  1.000 15.124 0 4   G   A OP1   1 ? 
ATOM   67  O  OP2   . G   A 1 4  ? -4.413  11.046  0.476   1.000 13.236 0 4   G   A OP2   1 ? 
ATOM   68  O  "O5'" . G   A 1 4  ? -3.197  13.018  1.295   1.000 11.531 0 4   G   A "O5'" 1 ? 
ATOM   69  C  "C5'" . G   A 1 4  ? -2.431  14.232  1.166   1.000 11.191 0 4   G   A "C5'" 1 ? 
ATOM   70  C  "C4'" . G   A 1 4  ? -1.828  14.596  2.505   1.000 10.363 0 4   G   A "C4'" 1 ? 
ATOM   71  O  "O4'" . G   A 1 4  ? -2.848  14.826  3.513   1.000 11.692 0 4   G   A "O4'" 1 ? 
ATOM   72  C  "C3'" . G   A 1 4  ? -0.980  13.493  3.137   1.000 10.775 0 4   G   A "C3'" 1 ? 
ATOM   73  O  "O3'" . G   A 1 4  ? 0.263   13.354  2.461   1.000 11.960 0 4   G   A "O3'" 1 ? 
ATOM   74  C  "C2'" . G   A 1 4  ? -0.911  13.995  4.573   1.000 11.060 0 4   G   A "C2'" 1 ? 
ATOM   75  O  "O2'" . G   A 1 4  ? -0.056  15.096  4.735   1.000 12.213 0 4   G   A "O2'" 1 ? 
ATOM   76  C  "C1'" . G   A 1 4  ? -2.364  14.389  4.779   1.000 10.819 0 4   G   A "C1'" 1 ? 
ATOM   77  N  N9    . G   A 1 4  ? -3.218  13.293  5.223   1.000 9.885  0 4   G   A N9    1 ? 
ATOM   78  C  C8    . G   A 1 4  ? -3.993  12.500  4.431   1.000 9.242  0 4   G   A C8    1 ? 
ATOM   79  N  N7    . G   A 1 4  ? -4.669  11.591  5.074   1.000 9.737  0 4   G   A N7    1 ? 
ATOM   80  C  C5    . G   A 1 4  ? -4.273  11.772  6.402   1.000 9.480  0 4   G   A C5    1 ? 
ATOM   81  C  C6    . G   A 1 4  ? -4.673  11.088  7.584   1.000 8.981  0 4   G   A C6    1 ? 
ATOM   82  O  O6    . G   A 1 4  ? -5.483  10.151  7.683   1.000 9.672  0 4   G   A O6    1 ? 
ATOM   83  N  N1    . G   A 1 4  ? -3.990  11.562  8.705   1.000 8.866  0 4   G   A N1    1 ? 
ATOM   84  C  C2    . G   A 1 4  ? -3.083  12.585  8.709   1.000 9.473  0 4   G   A C2    1 ? 
ATOM   85  N  N2    . G   A 1 4  ? -2.515  12.875  9.881   1.000 9.262  0 4   G   A N2    1 ? 
ATOM   86  N  N3    . G   A 1 4  ? -2.724  13.261  7.613   1.000 9.724  0 4   G   A N3    1 ? 
ATOM   87  C  C4    . G   A 1 4  ? -3.365  12.797  6.513   1.000 9.492  0 4   G   A C4    1 ? 
ATOM   88  P  P     . A   A 1 5  ? 0.923   11.898  2.390   1.000 12.734 0 5   A   A P     1 ? 
ATOM   89  O  OP1   . A   A 1 5  ? 2.149   12.126  1.545   1.000 15.617 0 5   A   A OP1   1 ? 
ATOM   90  O  OP2   . A   A 1 5  ? -0.056  10.857  1.992   1.000 13.520 0 5   A   A OP2   1 ? 
ATOM   91  O  "O5'" . A   A 1 5  ? 1.307   11.531  3.902   1.000 12.264 0 5   A   A "O5'" 1 ? 
ATOM   92  C  "C5'" . A   A 1 5  ? 2.326   12.288  4.588   1.000 12.764 0 5   A   A "C5'" 1 ? 
ATOM   93  C  "C4'" . A   A 1 5  ? 2.371   11.820  6.018   1.000 12.618 0 5   A   A "C4'" 1 ? 
ATOM   94  O  "O4'" . A   A 1 5  ? 1.112   12.115  6.667   1.000 11.988 0 5   A   A "O4'" 1 ? 
ATOM   95  C  "C3'" . A   A 1 5  ? 2.504   10.311  6.252   1.000 12.200 0 5   A   A "C3'" 1 ? 
ATOM   96  O  "O3'" . A   A 1 5  ? 3.801   9.866   5.914   1.000 12.025 0 5   A   A "O3'" 1 ? 
ATOM   97  C  "C2'" . A   A 1 5  ? 2.076   10.225  7.709   1.000 12.543 0 5   A   A "C2'" 1 ? 
ATOM   98  O  "O2'" . A   A 1 5  ? 3.087   10.637  8.602   1.000 13.727 0 5   A   A "O2'" 1 ? 
ATOM   99  C  "C1'" . A   A 1 5  ? 0.867   11.164  7.684   1.000 12.337 0 5   A   A "C1'" 1 ? 
ATOM   100 N  N9    . A   A 1 5  ? -0.331  10.419  7.354   1.000 11.580 0 5   A   A N9    1 ? 
ATOM   101 C  C8    . A   A 1 5  ? -0.931  10.261  6.130   1.000 11.031 0 5   A   A C8    1 ? 
ATOM   102 N  N7    . A   A 1 5  ? -1.948  9.433   6.160   1.000 10.967 0 5   A   A N7    1 ? 
ATOM   103 C  C5    . A   A 1 5  ? -2.004  9.008   7.486   1.000 10.219 0 5   A   A C5    1 ? 
ATOM   104 C  C6    . A   A 1 5  ? -2.836  8.099   8.151   1.000 11.084 0 5   A   A C6    1 ? 
ATOM   105 N  N6    . A   A 1 5  ? -3.850  7.475   7.571   1.000 12.176 0 5   A   A N6    1 ? 
ATOM   106 N  N1    . A   A 1 5  ? -2.628  7.885   9.470   1.000 11.587 0 5   A   A N1    1 ? 
ATOM   107 C  C2    . A   A 1 5  ? -1.623  8.554   10.042  1.000 12.781 0 5   A   A C2    1 ? 
ATOM   108 N  N3    . A   A 1 5  ? -0.751  9.406   9.523   1.000 12.494 0 5   A   A N3    1 ? 
ATOM   109 C  C4    . A   A 1 5  ? -0.989  9.593   8.215   1.000 10.321 0 5   A   A C4    1 ? 
ATOM   110 P  P     . A   A 1 6  ? 4.043   8.360   5.461   1.000 13.019 0 6   A   A P     1 ? 
ATOM   111 O  OP1   . A   A 1 6  ? 5.507   8.243   5.156   1.000 14.982 0 6   A   A OP1   1 ? 
ATOM   112 O  OP2   . A   A 1 6  ? 3.027   7.940   4.426   1.000 14.222 0 6   A   A OP2   1 ? 
ATOM   113 O  "O5'" . A   A 1 6  ? 3.743   7.488   6.747   1.000 11.798 0 6   A   A "O5'" 1 ? 
ATOM   114 C  "C5'" . A   A 1 6  ? 4.562   7.644   7.921   1.000 12.947 0 6   A   A "C5'" 1 ? 
ATOM   115 C  "C4'" . A   A 1 6  ? 3.982   6.802   9.027   1.000 12.685 0 6   A   A "C4'" 1 ? 
ATOM   116 O  "O4'" . A   A 1 6  ? 2.633   7.248   9.352   1.000 12.257 0 6   A   A "O4'" 1 ? 
ATOM   117 C  "C3'" . A   A 1 6  ? 3.783   5.327   8.724   1.000 13.476 0 6   A   A "C3'" 1 ? 
ATOM   118 O  "O3'" . A   A 1 6  ? 4.989   4.599   8.843   1.000 14.901 0 6   A   A "O3'" 1 ? 
ATOM   119 C  "C2'" . A   A 1 6  ? 2.791   4.942   9.821   1.000 13.213 0 6   A   A "C2'" 1 ? 
ATOM   120 O  "O2'" . A   A 1 6  ? 3.372   4.859   11.101  1.000 13.517 0 6   A   A "O2'" 1 ? 
ATOM   121 C  "C1'" . A   A 1 6  ? 1.836   6.140   9.724   1.000 12.287 0 6   A   A "C1'" 1 ? 
ATOM   122 N  N9    . A   A 1 6  ? 0.775   5.962   8.739   1.000 12.011 0 6   A   A N9    1 ? 
ATOM   123 C  C8    . A   A 1 6  ? 0.682   6.426   7.460   1.000 11.986 0 6   A   A C8    1 ? 
ATOM   124 N  N7    . A   A 1 6  ? -0.399  6.045   6.818   1.000 12.386 0 6   A   A N7    1 ? 
ATOM   125 C  C5    . A   A 1 6  ? -1.043  5.237   7.737   1.000 11.931 0 6   A   A C5    1 ? 
ATOM   126 C  C6    . A   A 1 6  ? -2.253  4.516   7.658   1.000 11.287 0 6   A   A C6    1 ? 
ATOM   127 N  N6    . A   A 1 6  ? -3.054  4.514   6.596   1.000 13.251 0 6   A   A N6    1 ? 
ATOM   128 N  N1    . A   A 1 6  ? -2.627  3.820   8.756   1.000 11.548 0 6   A   A N1    1 ? 
ATOM   129 C  C2    . A   A 1 6  ? -1.850  3.860   9.843   1.000 11.416 0 6   A   A C2    1 ? 
ATOM   130 N  N3    . A   A 1 6  ? -0.685  4.494   10.016  1.000 12.071 0 6   A   A N3    1 ? 
ATOM   131 C  C4    . A   A 1 6  ? -0.353  5.189   8.922   1.000 11.827 0 6   A   A C4    1 ? 
ATOM   132 P  P     . DG  A 1 7  ? 5.206   3.334   7.891   1.000 16.765 0 7   DG  A P     1 ? 
ATOM   133 O  OP1   . DG  A 1 7  ? 6.588   2.814   8.064   1.000 19.162 0 7   DG  A OP1   1 ? 
ATOM   134 O  OP2   . DG  A 1 7  ? 4.664   3.558   6.542   1.000 17.837 0 7   DG  A OP2   1 ? 
ATOM   135 O  "O5'" . DG  A 1 7  ? 4.193   2.225   8.461   1.000 15.000 0 7   DG  A "O5'" 1 ? 
ATOM   136 C  "C5'" . DG  A 1 7  ? 4.478   1.595   9.703   1.000 14.454 0 7   DG  A "C5'" 1 ? 
ATOM   137 C  "C4'" . DG  A 1 7  ? 3.302   0.757   10.135  1.000 13.761 0 7   DG  A "C4'" 1 ? 
ATOM   138 O  "O4'" . DG  A 1 7  ? 2.094   1.547   10.110  1.000 12.831 0 7   DG  A "O4'" 1 ? 
ATOM   139 C  "C3'" . DG  A 1 7  ? 2.923   -0.452  9.309   1.000 13.571 0 7   DG  A "C3'" 1 ? 
ATOM   140 O  "O3'" . DG  A 1 7  ? 3.834   -1.523  9.523   1.000 13.786 0 7   DG  A "O3'" 1 ? 
ATOM   141 C  "C2'" . DG  A 1 7  ? 1.559   -0.755  9.922   1.000 12.304 0 7   DG  A "C2'" 1 ? 
ATOM   142 C  "C1'" . DG  A 1 7  ? 0.976   0.647   9.976   1.000 11.683 0 7   DG  A "C1'" 1 ? 
ATOM   143 N  N9    . DG  A 1 7  ? 0.203   1.029   8.783   1.000 11.031 0 7   DG  A N9    1 ? 
ATOM   144 C  C8    . DG  A 1 7  ? 0.536   1.880   7.754   1.000 11.452 0 7   DG  A C8    1 ? 
ATOM   145 N  N7    . DG  A 1 7  ? -0.387  1.995   6.837   1.000 12.089 0 7   DG  A N7    1 ? 
ATOM   146 C  C5    . DG  A 1 7  ? -1.387  1.138   7.266   1.000 10.319 0 7   DG  A C5    1 ? 
ATOM   147 C  C6    . DG  A 1 7  ? -2.674  0.873   6.735   1.000 10.221 0 7   DG  A C6    1 ? 
ATOM   148 O  O6    . DG  A 1 7  ? -3.182  1.294   5.673   1.000 13.151 0 7   DG  A O6    1 ? 
ATOM   149 N  N1    . DG  A 1 7  ? -3.371  -0.047  7.515   1.000 10.456 0 7   DG  A N1    1 ? 
ATOM   150 C  C2    . DG  A 1 7  ? -2.916  -0.610  8.682   1.000 10.976 0 7   DG  A C2    1 ? 
ATOM   151 N  N2    . DG  A 1 7  ? -3.701  -1.494  9.283   1.000 12.827 0 7   DG  A N2    1 ? 
ATOM   152 N  N3    . DG  A 1 7  ? -1.731  -0.329  9.208   1.000 10.406 0 7   DG  A N3    1 ? 
ATOM   153 C  C4    . DG  A 1 7  ? -1.037  0.551   8.466   1.000 10.221 0 7   DG  A C4    1 ? 
ATOM   154 P  P     . A   A 1 8  ? 3.929   -2.784  8.524   1.000 14.998 0 8   A   A P     1 ? 
ATOM   155 O  OP1   . A   A 1 8  ? 5.143   -3.552  9.000   1.000 20.146 0 8   A   A OP1   1 ? 
ATOM   156 O  OP2   . A   A 1 8  ? 3.826   -2.375  7.093   1.000 15.767 0 8   A   A OP2   1 ? 
ATOM   157 O  "O5'" . A   A 1 8  ? 2.603   -3.618  8.781   1.000 15.544 0 8   A   A "O5'" 1 ? 
ATOM   158 C  "C5'" . A   A 1 8  ? 2.355   -4.176  10.095  1.000 15.807 0 8   A   A "C5'" 1 ? 
ATOM   159 C  "C4'" . A   A 1 8  ? 1.061   -4.946  10.095  1.000 17.048 0 8   A   A "C4'" 1 ? 
ATOM   160 O  "O4'" . A   A 1 8  ? -0.028  -4.015  9.954   1.000 15.311 0 8   A   A "O4'" 1 ? 
ATOM   161 C  "C3'" . A   A 1 8  ? 0.811   -5.936  8.943   1.000 17.155 0 8   A   A "C3'" 1 ? 
ATOM   162 O  "O3'" . A   A 1 8  ? 1.427   -7.184  9.208   1.000 17.595 0 8   A   A "O3'" 1 ? 
ATOM   163 C  "C2'" . A   A 1 8  ? -0.704  -6.057  9.025   1.000 16.727 0 8   A   A "C2'" 1 ? 
ATOM   164 O  "O2'" . A   A 1 8  ? -1.128  -6.859  10.119  1.000 19.995 0 8   A   A "O2'" 1 ? 
ATOM   165 C  "C1'" . A   A 1 8  ? -1.055  -4.583  9.157   1.000 16.387 0 8   A   A "C1'" 1 ? 
ATOM   166 N  N9    . A   A 1 8  ? -1.122  -3.800  7.919   1.000 13.477 0 8   A   A N9    1 ? 
ATOM   167 C  C8    . A   A 1 8  ? -0.192  -2.947  7.360   1.000 12.886 0 8   A   A C8    1 ? 
ATOM   168 N  N7    . A   A 1 8  ? -0.598  -2.320  6.274   1.000 12.749 0 8   A   A N7    1 ? 
ATOM   169 C  C5    . A   A 1 8  ? -1.913  -2.740  6.154   1.000 11.167 0 8   A   A C5    1 ? 
ATOM   170 C  C6    . A   A 1 8  ? -2.910  -2.473  5.199   1.000 10.833 0 8   A   A C6    1 ? 
ATOM   171 N  N6    . A   A 1 8  ? -2.757  -1.583  4.235   1.000 12.524 0 8   A   A N6    1 ? 
ATOM   172 N  N1    . A   A 1 8  ? -4.089  -3.124  5.326   1.000 12.810 0 8   A   A N1    1 ? 
ATOM   173 C  C2    . A   A 1 8  ? -4.253  -3.977  6.340   1.000 13.338 0 8   A   A C2    1 ? 
ATOM   174 N  N3    . A   A 1 8  ? -3.396  -4.310  7.296   1.000 14.522 0 8   A   A N3    1 ? 
ATOM   175 C  C4    . A   A 1 8  ? -2.238  -3.660  7.139   1.000 12.425 0 8   A   A C4    1 ? 
ATOM   176 P  P     . U   A 1 9  ? 2.113   -8.053  8.051   1.000 18.522 0 9   U   A P     1 ? 
ATOM   177 O  OP1   . U   A 1 9  ? 2.858   -9.134  8.784   1.000 20.351 0 9   U   A OP1   1 ? 
ATOM   178 O  OP2   . U   A 1 9  ? 2.845   -7.238  7.054   1.000 17.427 0 9   U   A OP2   1 ? 
ATOM   179 O  "O5'" . U   A 1 9  ? 0.835   -8.622  7.287   1.000 18.580 0 9   U   A "O5'" 1 ? 
ATOM   180 C  "C5'" . U   A 1 9  ? -0.019  -9.592  7.956   1.000 18.848 0 9   U   A "C5'" 1 ? 
ATOM   181 C  "C4'" . U   A 1 9  ? -1.324  -9.707  7.213   1.000 19.532 0 9   U   A "C4'" 1 ? 
ATOM   182 O  "O4'" . U   A 1 9  ? -2.025  -8.431  7.160   1.000 18.029 0 9   U   A "O4'" 1 ? 
ATOM   183 C  "C3'" . U   A 1 9  ? -1.193  -10.081 5.734   1.000 18.840 0 9   U   A "C3'" 1 ? 
ATOM   184 O  "O3'" . U   A 1 9  ? -0.889  -11.461 5.562   1.000 19.982 0 9   U   A "O3'" 1 ? 
ATOM   185 C  "C2'" . U   A 1 9  ? -2.589  -9.702  5.266   1.000 19.384 0 9   U   A "C2'" 1 ? 
ATOM   186 O  "O2'" . U   A 1 9  ? -3.548  -10.620 5.758   1.000 22.891 0 9   U   A "O2'" 1 ? 
ATOM   187 C  "C1'" . U   A 1 9  ? -2.751  -8.345  5.947   1.000 17.955 0 9   U   A "C1'" 1 ? 
ATOM   188 N  N1    . U   A 1 9  ? -2.243  -7.200  5.164   1.000 15.989 0 9   U   A N1    1 ? 
ATOM   189 C  C2    . U   A 1 9  ? -3.086  -6.673  4.204   1.000 15.997 0 9   U   A C2    1 ? 
ATOM   190 O  O2    . U   A 1 9  ? -4.199  -7.134  3.999   1.000 18.316 0 9   U   A O2    1 ? 
ATOM   191 N  N3    . U   A 1 9  ? -2.573  -5.611  3.506   1.000 14.961 0 9   U   A N3    1 ? 
ATOM   192 C  C4    . U   A 1 9  ? -1.339  -5.023  3.649   1.000 14.492 0 9   U   A C4    1 ? 
ATOM   193 O  O4    . U   A 1 9  ? -1.003  -4.055  2.963   1.000 15.627 0 9   U   A O4    1 ? 
ATOM   194 C  C5    . U   A 1 9  ? -0.518  -5.632  4.647   1.000 13.285 0 9   U   A C5    1 ? 
ATOM   195 C  C6    . U   A 1 9  ? -0.997  -6.663  5.367   1.000 14.537 0 9   U   A C6    1 ? 
ATOM   196 P  P     . C   A 1 10 ? -0.001  -11.958 4.336   1.000 20.018 0 10  C   A P     1 ? 
ATOM   197 O  OP1   . C   A 1 10 ? 0.199   -13.425 4.549   1.000 24.330 0 10  C   A OP1   1 ? 
ATOM   198 O  OP2   . C   A 1 10 ? 1.183   -11.139 3.985   1.000 20.516 0 10  C   A OP2   1 ? 
ATOM   199 O  "O5'" . C   A 1 10 ? -0.939  -11.780 3.049   1.000 18.622 0 10  C   A "O5'" 1 ? 
ATOM   200 C  "C5'" . C   A 1 10 ? -2.173  -12.519 2.997   1.000 18.935 0 10  C   A "C5'" 1 ? 
ATOM   201 C  "C4'" . C   A 1 10 ? -3.059  -11.952 1.904   1.000 17.947 0 10  C   A "C4'" 1 ? 
ATOM   202 O  "O4'" . C   A 1 10 ? -3.427  -10.583 2.230   1.000 18.244 0 10  C   A "O4'" 1 ? 
ATOM   203 C  "C3'" . C   A 1 10 ? -2.442  -11.831 0.506   1.000 18.407 0 10  C   A "C3'" 1 ? 
ATOM   204 O  "O3'" . C   A 1 10 ? -2.436  -13.063 -0.199  1.000 20.085 0 10  C   A "O3'" 1 ? 
ATOM   205 C  "C2'" . C   A 1 10 ? -3.428  -10.844 -0.111  1.000 17.115 0 10  C   A "C2'" 1 ? 
ATOM   206 O  "O2'" . C   A 1 10 ? -4.684  -11.415 -0.364  1.000 19.028 0 10  C   A "O2'" 1 ? 
ATOM   207 C  "C1'" . C   A 1 10 ? -3.618  -9.855  1.043   1.000 15.765 0 10  C   A "C1'" 1 ? 
ATOM   208 N  N1    . C   A 1 10 ? -2.621  -8.759  0.984   1.000 12.785 0 10  C   A N1    1 ? 
ATOM   209 C  C2    . C   A 1 10 ? -2.889  -7.736  0.069   1.000 13.045 0 10  C   A C2    1 ? 
ATOM   210 O  O2    . C   A 1 10 ? -3.948  -7.803  -0.580  1.000 14.998 0 10  C   A O2    1 ? 
ATOM   211 N  N3    . C   A 1 10 ? -2.012  -6.706  -0.046  1.000 12.840 0 10  C   A N3    1 ? 
ATOM   212 C  C4    . C   A 1 10 ? -0.879  -6.706  0.685   1.000 13.404 0 10  C   A C4    1 ? 
ATOM   213 N  N4    . C   A 1 10 ? -0.058  -5.695  0.523   1.000 12.522 0 10  C   A N4    1 ? 
ATOM   214 C  C5    . C   A 1 10 ? -0.584  -7.757  1.599   1.000 13.364 0 10  C   A C5    1 ? 
ATOM   215 C  C6    . C   A 1 10 ? -1.464  -8.756  1.698   1.000 14.351 0 10  C   A C6    1 ? 
ATOM   216 P  P     . U   A 1 11 ? -1.301  -13.362 -1.283  1.000 20.630 0 11  U   A P     1 ? 
ATOM   217 O  OP1   . U   A 1 11 ? -1.460  -14.783 -1.727  1.000 22.962 0 11  U   A OP1   1 ? 
ATOM   218 O  OP2   . U   A 1 11 ? 0.038   -12.855 -0.886  1.000 23.550 0 11  U   A OP2   1 ? 
ATOM   219 O  "O5'" . U   A 1 11 ? -1.645  -12.379 -2.484  1.000 17.148 0 11  U   A "O5'" 1 ? 
ATOM   220 C  "C5'" . U   A 1 11 ? -2.869  -12.634 -3.147  1.000 15.097 0 11  U   A "C5'" 1 ? 
ATOM   221 C  "C4'" . U   A 1 11 ? -3.233  -11.470 -4.022  1.000 14.298 0 11  U   A "C4'" 1 ? 
ATOM   222 O  "O4'" . U   A 1 11 ? -3.261  -10.220 -3.275  1.000 12.826 0 11  U   A "O4'" 1 ? 
ATOM   223 C  "C3'" . U   A 1 11 ? -2.254  -11.177 -5.150  1.000 13.009 0 11  U   A "C3'" 1 ? 
ATOM   224 O  "O3'" . U   A 1 11 ? -2.383  -12.100 -6.226  1.000 13.743 0 11  U   A "O3'" 1 ? 
ATOM   225 C  "C2'" . U   A 1 11 ? -2.740  -9.787  -5.551  1.000 12.718 0 11  U   A "C2'" 1 ? 
ATOM   226 O  "O2'" . U   A 1 11 ? -3.964  -9.791  -6.256  1.000 13.720 0 11  U   A "O2'" 1 ? 
ATOM   227 C  "C1'" . U   A 1 11 ? -2.909  -9.169  -4.168  1.000 11.183 0 11  U   A "C1'" 1 ? 
ATOM   228 N  N1    . U   A 1 11 ? -1.724  -8.490  -3.660  1.000 12.113 0 11  U   A N1    1 ? 
ATOM   229 C  C2    . U   A 1 11 ? -1.509  -7.238  -4.213  1.000 11.468 0 11  U   A C2    1 ? 
ATOM   230 O  O2    . U   A 1 11 ? -2.221  -6.795  -5.108  1.000 13.640 0 11  U   A O2    1 ? 
ATOM   231 N  N3    . U   A 1 11 ? -0.446  -6.558  -3.706  1.000 11.431 0 11  U   A N3    1 ? 
ATOM   232 C  C4    . U   A 1 11 ? 0.424   -6.957  -2.712  1.000 11.731 0 11  U   A C4    1 ? 
ATOM   233 O  O4    . U   A 1 11 ? 1.338   -6.210  -2.371  1.000 13.199 0 11  U   A O4    1 ? 
ATOM   234 C  C5    . U   A 1 11 ? 0.167   -8.267  -2.206  1.000 12.066 0 11  U   A C5    1 ? 
ATOM   235 C  C6    . U   A 1 11 ? -0.888  -8.966  -2.678  1.000 11.209 0 11  U   A C6    1 ? 
ATOM   236 P  P     . U   A 1 12 ? -1.147  -12.405 -7.211  1.000 14.002 0 12  U   A P     1 ? 
ATOM   237 O  OP1   . U   A 1 12 ? -1.569  -13.652 -7.919  1.000 15.914 0 12  U   A OP1   1 ? 
ATOM   238 O  OP2   . U   A 1 12 ? 0.127   -12.376 -6.460  1.000 14.172 0 12  U   A OP2   1 ? 
ATOM   239 O  "O5'" . U   A 1 12 ? -1.068  -11.149 -8.199  1.000 12.510 0 12  U   A "O5'" 1 ? 
ATOM   240 C  "C5'" . U   A 1 12 ? -2.127  -10.941 -9.187  1.000 12.105 0 12  U   A "C5'" 1 ? 
ATOM   241 C  "C4'" . U   A 1 12 ? -1.718  -9.784  -10.045 1.000 11.644 0 12  U   A "C4'" 1 ? 
ATOM   242 O  "O4'" . U   A 1 12 ? -1.711  -8.581  -9.250  1.000 11.299 0 12  U   A "O4'" 1 ? 
ATOM   243 C  "C3'" . U   A 1 12 ? -0.295  -9.854  -10.602 1.000 12.716 0 12  U   A "C3'" 1 ? 
ATOM   244 O  "O3'" . U   A 1 12 ? -0.200  -10.735 -11.726 1.000 13.225 0 12  U   A "O3'" 1 ? 
ATOM   245 C  "C2'" . U   A 1 12 ? -0.058  -8.389  -10.918 1.000 11.704 0 12  U   A "C2'" 1 ? 
ATOM   246 O  "O2'" . U   A 1 12 ? -0.788  -8.006  -12.070 1.000 12.267 0 12  U   A "O2'" 1 ? 
ATOM   247 C  "C1'" . U   A 1 12 ? -0.675  -7.723  -9.697  1.000 11.237 0 12  U   A "C1'" 1 ? 
ATOM   248 N  N1    . U   A 1 12 ? 0.237   -7.525  -8.559  1.000 10.714 0 12  U   A N1    1 ? 
ATOM   249 C  C2    . U   A 1 12 ? 1.015   -6.390  -8.576  1.000 11.556 0 12  U   A C2    1 ? 
ATOM   250 O  O2    . U   A 1 12 ? 1.040   -5.628  -9.538  1.000 13.310 0 12  U   A O2    1 ? 
ATOM   251 N  N3    . U   A 1 12 ? 1.772   -6.186  -7.449  1.000 10.495 0 12  U   A N3    1 ? 
ATOM   252 C  C4    . U   A 1 12 ? 1.869   -7.004  -6.357  1.000 11.198 0 12  U   A C4    1 ? 
ATOM   253 O  O4    . U   A 1 12 ? 2.568   -6.654  -5.403  1.000 12.615 0 12  U   A O4    1 ? 
ATOM   254 C  C5    . U   A 1 12 ? 1.011   -8.140  -6.409  1.000 11.145 0 12  U   A C5    1 ? 
ATOM   255 C  C6    . U   A 1 12 ? 0.258   -8.376  -7.489  1.000 11.793 0 12  U   A C6    1 ? 
ATOM   256 P  P     . C   A 1 13 ? 1.161   -11.506 -12.026 1.000 12.316 0 13  C   A P     1 ? 
ATOM   257 O  OP1   . C   A 1 13 ? 0.777   -12.476 -13.101 1.000 15.179 0 13  C   A OP1   1 ? 
ATOM   258 O  OP2   . C   A 1 13 ? 1.742   -12.042 -10.760 1.000 13.156 0 13  C   A OP2   1 ? 
ATOM   259 O  "O5'" . C   A 1 13 ? 2.204   -10.387 -12.502 1.000 11.743 0 13  C   A "O5'" 1 ? 
ATOM   260 C  "C5'" . C   A 1 13 ? 2.015   -9.708  -13.758 1.000 12.489 0 13  C   A "C5'" 1 ? 
ATOM   261 C  "C4'" . C   A 1 13 ? 2.975   -8.552  -13.838 1.000 12.074 0 13  C   A "C4'" 1 ? 
ATOM   262 O  "O4'" . C   A 1 13 ? 2.686   -7.592  -12.783 1.000 11.634 0 13  C   A "O4'" 1 ? 
ATOM   263 C  "C3'" . C   A 1 13 ? 4.465   -8.859  -13.648 1.000 12.382 0 13  C   A "C3'" 1 ? 
ATOM   264 O  "O3'" . C   A 1 13 ? 5.079   -9.417  -14.800 1.000 11.813 0 13  C   A "O3'" 1 ? 
ATOM   265 C  "C2'" . C   A 1 13 ? 4.979   -7.449  -13.362 1.000 11.071 0 13  C   A "C2'" 1 ? 
ATOM   266 O  "O2'" . C   A 1 13 ? 4.988   -6.649  -14.529 1.000 11.029 0 13  C   A "O2'" 1 ? 
ATOM   267 C  "C1'" . C   A 1 13 ? 3.888   -6.907  -12.442 1.000 10.888 0 13  C   A "C1'" 1 ? 
ATOM   268 N  N1    . C   A 1 13 ? 4.220   -7.117  -11.013 1.000 9.689  0 13  C   A N1    1 ? 
ATOM   269 C  C2    . C   A 1 13 ? 5.086   -6.201  -10.405 1.000 9.391  0 13  C   A C2    1 ? 
ATOM   270 O  O2    . C   A 1 13 ? 5.577   -5.328  -11.116 1.000 10.607 0 13  C   A O2    1 ? 
ATOM   271 N  N3    . C   A 1 13 ? 5.399   -6.362  -9.106  1.000 9.422  0 13  C   A N3    1 ? 
ATOM   272 C  C4    . C   A 1 13 ? 4.887   -7.388  -8.425  1.000 9.892  0 13  C   A C4    1 ? 
ATOM   273 N  N4    . C   A 1 13 ? 5.183   -7.486  -7.143  1.000 10.313 0 13  C   A N4    1 ? 
ATOM   274 C  C5    . C   A 1 13 ? 4.022   -8.338  -9.024  1.000 10.450 0 13  C   A C5    1 ? 
ATOM   275 C  C6    . C   A 1 13 ? 3.755   -8.176  -10.315 1.000 10.174 0 13  C   A C6    1 ? 
ATOM   276 P  P     . U   A 1 14 ? 6.360   -10.377 -14.689 1.000 11.696 0 14  U   A P     1 ? 
ATOM   277 O  OP1   . U   A 1 14 ? 6.583   -10.904 -16.067 1.000 14.309 0 14  U   A OP1   1 ? 
ATOM   278 O  OP2   . U   A 1 14 ? 6.212   -11.316 -13.565 1.000 12.591 0 14  U   A OP2   1 ? 
ATOM   279 O  "O5'" . U   A 1 14 ? 7.600   -9.435  -14.251 1.000 10.938 0 14  U   A "O5'" 1 ? 
ATOM   280 C  "C5'" . U   A 1 14 ? 8.111   -8.498  -15.201 1.000 11.412 0 14  U   A "C5'" 1 ? 
ATOM   281 C  "C4'" . U   A 1 14 ? 9.021   -7.533  -14.488 1.000 10.189 0 14  U   A "C4'" 1 ? 
ATOM   282 O  "O4'" . U   A 1 14 ? 8.345   -6.828  -13.421 1.000 9.730  0 14  U   A "O4'" 1 ? 
ATOM   283 C  "C3'" . U   A 1 14 ? 10.296  -8.066  -13.824 1.000 9.159  0 14  U   A "C3'" 1 ? 
ATOM   284 O  "O3'" . U   A 1 14 ? 11.320  -8.268  -14.776 1.000 9.148  0 14  U   A "O3'" 1 ? 
ATOM   285 C  "C2'" . U   A 1 14 ? 10.631  -6.849  -12.950 1.000 9.044  0 14  U   A "C2'" 1 ? 
ATOM   286 O  "O2'" . U   A 1 14 ? 11.090  -5.779  -13.756 1.000 8.828  0 14  U   A "O2'" 1 ? 
ATOM   287 C  "C1'" . U   A 1 14 ? 9.263   -6.544  -12.376 1.000 9.121  0 14  U   A "C1'" 1 ? 
ATOM   288 N  N1    . U   A 1 14 ? 8.913   -7.310  -11.169 1.000 8.726  0 14  U   A N1    1 ? 
ATOM   289 C  C2    . U   A 1 14 ? 9.411   -6.817  -9.973  1.000 8.968  0 14  U   A C2    1 ? 
ATOM   290 O  O2    . U   A 1 14 ? 10.193  -5.883  -9.913  1.000 8.766  0 14  U   A O2    1 ? 
ATOM   291 N  N3    . U   A 1 14 ? 9.008   -7.493  -8.866  1.000 8.230  0 14  U   A N3    1 ? 
ATOM   292 C  C4    . U   A 1 14 ? 8.148   -8.562  -8.791  1.000 8.858  0 14  U   A C4    1 ? 
ATOM   293 O  O4    . U   A 1 14 ? 7.899   -9.073  -7.695  1.000 10.098 0 14  U   A O4    1 ? 
ATOM   294 C  C5    . U   A 1 14 ? 7.687   -9.021  -10.067 1.000 9.179  0 14  U   A C5    1 ? 
ATOM   295 C  C6    . U   A 1 14 ? 8.060   -8.394  -11.182 1.000 8.752  0 14  U   A C6    1 ? 
ATOM   296 P  P     . C   A 1 15 ? 12.508  -9.300  -14.540 1.000 10.186 0 15  C   A P     1 ? 
ATOM   297 O  OP1   . C   A 1 15 ? 13.185  -9.423  -15.860 1.000 12.638 0 15  C   A OP1   1 ? 
ATOM   298 O  OP2   . C   A 1 15 ? 12.058  -10.501 -13.780 1.000 11.377 0 15  C   A OP2   1 ? 
ATOM   299 O  "O5'" . C   A 1 15 ? 13.488  -8.568  -13.523 1.000 9.418  0 15  C   A "O5'" 1 ? 
ATOM   300 C  "C5'" . C   A 1 15 ? 14.243  -7.404  -13.945 1.000 9.847  0 15  C   A "C5'" 1 ? 
ATOM   301 C  "C4'" . C   A 1 15 ? 14.876  -6.776  -12.722 1.000 9.446  0 15  C   A "C4'" 1 ? 
ATOM   302 O  "O4'" . C   A 1 15 ? 13.884  -6.376  -11.745 1.000 9.212  0 15  C   A "O4'" 1 ? 
ATOM   303 C  "C3'" . C   A 1 15 ? 15.809  -7.684  -11.924 1.000 9.644  0 15  C   A "C3'" 1 ? 
ATOM   304 O  "O3'" . C   A 1 15 ? 17.077  -7.761  -12.570 1.000 10.336 0 15  C   A "O3'" 1 ? 
ATOM   305 C  "C2'" . C   A 1 15 ? 15.865  -6.932  -10.612 1.000 9.445  0 15  C   A "C2'" 1 ? 
ATOM   306 O  "O2'" . C   A 1 15 ? 16.617  -5.737  -10.726 1.000 11.047 0 15  C   A "O2'" 1 ? 
ATOM   307 C  "C1'" . C   A 1 15 ? 14.404  -6.548  -10.438 1.000 8.607  0 15  C   A "C1'" 1 ? 
ATOM   308 N  N1    . C   A 1 15 ? 13.578  -7.603  -9.792  1.000 8.413  0 15  C   A N1    1 ? 
ATOM   309 C  C2    . C   A 1 15 ? 13.611  -7.627  -8.402  1.000 8.560  0 15  C   A C2    1 ? 
ATOM   310 O  O2    . C   A 1 15 ? 14.442  -6.897  -7.808  1.000 8.620  0 15  C   A O2    1 ? 
ATOM   311 N  N3    . C   A 1 15 ? 12.771  -8.480  -7.731  1.000 8.796  0 15  C   A N3    1 ? 
ATOM   312 C  C4    . C   A 1 15 ? 11.938  -9.271  -8.437  1.000 9.193  0 15  C   A C4    1 ? 
ATOM   313 N  N4    . C   A 1 15 ? 11.112  -10.074 -7.752  1.000 9.818  0 15  C   A N4    1 ? 
ATOM   314 C  C5    . C   A 1 15 ? 11.961  -9.316  -9.852  1.000 9.109  0 15  C   A C5    1 ? 
ATOM   315 C  C6    . C   A 1 15 ? 12.778  -8.458  -10.481 1.000 8.569  0 15  C   A C6    1 ? 
ATOM   316 P  P     . U   A 1 16 ? 17.896  -9.110  -12.555 1.000 10.977 0 16  U   A P     1 ? 
ATOM   317 O  OP1   . U   A 1 16 ? 19.126  -8.793  -13.361 1.000 12.914 0 16  U   A OP1   1 ? 
ATOM   318 O  OP2   . U   A 1 16 ? 17.006  -10.255 -12.847 1.000 11.630 0 16  U   A OP2   1 ? 
ATOM   319 O  "O5'" . U   A 1 16 ? 18.309  -9.333  -11.019 1.000 9.403  0 16  U   A "O5'" 1 ? 
ATOM   320 C  "C5'" . U   A 1 16 ? 19.293  -8.420  -10.428 1.000 9.443  0 16  U   A "C5'" 1 ? 
ATOM   321 C  "C4'" . U   A 1 16 ? 19.355  -8.652  -8.941  1.000 9.458  0 16  U   A "C4'" 1 ? 
ATOM   322 O  "O4'" . U   A 1 16 ? 18.059  -8.367  -8.356  1.000 8.922  0 16  U   A "O4'" 1 ? 
ATOM   323 C  "C3'" . U   A 1 16 ? 19.673  -10.083 -8.489  1.000 9.398  0 16  U   A "C3'" 1 ? 
ATOM   324 O  "O3'" . U   A 1 16 ? 21.075  -10.358 -8.591  1.000 10.557 0 16  U   A "O3'" 1 ? 
ATOM   325 C  "C2'" . U   A 1 16 ? 19.141  -10.038 -7.064  1.000 9.561  0 16  U   A "C2'" 1 ? 
ATOM   326 O  "O2'" . U   A 1 16 ? 20.095  -9.367  -6.246  1.000 11.934 0 16  U   A "O2'" 1 ? 
ATOM   327 C  "C1'" . U   A 1 16 ? 17.880  -9.186  -7.214  1.000 8.587  0 16  U   A "C1'" 1 ? 
ATOM   328 N  N1    . U   A 1 16 ? 16.665  -9.986  -7.456  1.000 8.028  0 16  U   A N1    1 ? 
ATOM   329 C  C2    . U   A 1 16 ? 16.040  -10.491 -6.331  1.000 8.964  0 16  U   A C2    1 ? 
ATOM   330 O  O2    . U   A 1 16 ? 16.489  -10.326 -5.216  1.000 9.483  0 16  U   A O2    1 ? 
ATOM   331 N  N3    . U   A 1 16 ? 14.901  -11.224 -6.570  1.000 8.020  0 16  U   A N3    1 ? 
ATOM   332 C  C4    . U   A 1 16 ? 14.380  -11.545 -7.808  1.000 8.755  0 16  U   A C4    1 ? 
ATOM   333 O  O4    . U   A 1 16 ? 13.357  -12.248 -7.850  1.000 9.446  0 16  U   A O4    1 ? 
ATOM   334 C  C5    . U   A 1 16 ? 15.113  -11.021 -8.935  1.000 8.191  0 16  U   A C5    1 ? 
ATOM   335 C  C6    . U   A 1 16 ? 16.207  -10.259 -8.728  1.000 8.052  0 16  U   A C6    1 ? 
HETATM 336 CA CA    . CA  B 2 .  ? -1.381  4.458   2.756   1.000 26.906 0 101 CA  A CA    1 ? 
HETATM 337 CA CA    . CA  C 2 .  ? 20.778  -9.285  -14.678 1.000 22.396 0 102 CA  A CA    1 ? 
HETATM 338 O  O     . HOH D 3 .  ? 7.997   -11.695 -17.642 1.000 17.867 0 201 HOH A O     1 ? 
HETATM 339 O  O     . HOH D 3 .  ? 8.167   1.196   8.307   1.000 29.172 0 202 HOH A O     1 ? 
HETATM 340 O  O     . HOH D 3 .  ? -13.752 6.872   4.882   1.000 33.607 0 203 HOH A O     1 ? 
HETATM 341 O  O     . HOH D 3 .  ? 21.724  -12.626 -7.589  1.000 18.287 0 204 HOH A O     1 ? 
HETATM 342 O  O     . HOH D 3 .  ? -5.638  -10.731 4.260   1.000 35.037 0 205 HOH A O     1 ? 
HETATM 343 O  O     . HOH D 3 .  ? 6.897   -11.338 -6.977  1.000 25.986 0 206 HOH A O     1 ? 
HETATM 344 O  O     . HOH D 3 .  ? 1.105   -2.580  2.645   1.000 21.369 0 207 HOH A O     1 ? 
HETATM 345 O  O     . HOH D 3 .  ? 1.202   -4.156  -11.680 1.000 35.700 0 208 HOH A O     1 ? 
HETATM 346 O  O     . HOH D 3 .  ? -17.686 6.117   7.529   1.000 33.936 0 209 HOH A O     1 ? 
HETATM 347 O  O     . HOH D 3 .  ? -3.877  -15.604 -1.192  1.000 37.100 0 210 HOH A O     1 ? 
HETATM 348 O  O     . HOH D 3 .  ? -1.272  11.312  -2.473  1.000 21.133 0 211 HOH A O     1 ? 
HETATM 349 O  O     . HOH D 3 .  ? 5.431   11.587  7.828   1.000 19.829 0 212 HOH A O     1 ? 
HETATM 350 O  O     . HOH D 3 .  ? -2.572  2.651   3.481   1.000 25.720 0 213 HOH A O     1 ? 
HETATM 351 O  O     . HOH D 3 .  ? -17.206 13.436  0.858   1.000 28.413 0 214 HOH A O     1 ? 
HETATM 352 O  O     . HOH D 3 .  ? -5.604  -7.756  -5.766  1.000 21.226 0 215 HOH A O     1 ? 
HETATM 353 O  O     . HOH D 3 .  ? 2.446   -11.462 -8.252  1.000 18.161 0 216 HOH A O     1 ? 
HETATM 354 O  O     . HOH D 3 .  ? -5.319  16.538  -0.866  1.000 26.340 0 217 HOH A O     1 ? 
HETATM 355 O  O     . HOH D 3 .  ? -2.460  9.679   2.031   1.000 23.016 0 218 HOH A O     1 ? 
HETATM 356 O  O     . HOH D 3 .  ? -3.639  -14.374 -9.459  1.000 25.448 0 219 HOH A O     1 ? 
HETATM 357 O  O     . HOH D 3 .  ? 12.107  -13.343 -9.953  1.000 17.932 0 220 HOH A O     1 ? 
HETATM 358 O  O     . HOH D 3 .  ? -3.644  -7.715  10.498  1.000 33.960 0 221 HOH A O     1 ? 
HETATM 359 O  O     . HOH D 3 .  ? 0.417   4.205   12.449  1.000 31.627 0 222 HOH A O     1 ? 
HETATM 360 O  O     . HOH D 3 .  ? -9.083  8.706   4.484   1.000 15.448 0 223 HOH A O     1 ? 
HETATM 361 O  O     . HOH D 3 .  ? 0.678   8.342   3.170   1.000 22.879 0 224 HOH A O     1 ? 
HETATM 362 O  O     . HOH D 3 .  ? 2.347   15.779  3.714   1.000 15.968 0 225 HOH A O     1 ? 
HETATM 363 O  O     . HOH D 3 .  ? -12.641 7.027   -1.834  1.000 20.421 0 226 HOH A O     1 ? 
HETATM 364 O  O     . HOH D 3 .  ? 10.382  -11.574 -11.947 1.000 25.842 0 227 HOH A O     1 ? 
HETATM 365 O  O     . HOH D 3 .  ? -3.537  5.563   4.147   1.000 34.153 0 228 HOH A O     1 ? 
HETATM 366 O  O     . HOH D 3 .  ? -16.270 14.399  2.662   1.000 24.207 0 229 HOH A O     1 ? 
HETATM 367 O  O     . HOH D 3 .  ? 8.167   -12.461 -12.054 1.000 32.577 0 230 HOH A O     1 ? 
HETATM 368 O  O     . HOH D 3 .  ? 15.555  -3.360  -11.527 1.000 22.733 0 231 HOH A O     1 ? 
HETATM 369 O  O     . HOH D 3 .  ? 4.666   -3.330  -12.736 1.000 22.512 0 232 HOH A O     1 ? 
HETATM 370 O  O     . HOH D 3 .  ? -11.002 16.169  1.150   1.000 19.879 0 233 HOH A O     1 ? 
HETATM 371 O  O     . HOH D 3 .  ? 0.998   -15.195 -12.891 1.000 27.825 0 234 HOH A O     1 ? 
HETATM 372 O  O     . HOH D 3 .  ? 0.092   9.775   -0.520  1.000 30.377 0 235 HOH A O     1 ? 
HETATM 373 O  O     . HOH D 3 .  ? 17.915  -10.671 -2.894  1.000 22.461 0 236 HOH A O     1 ? 
HETATM 374 O  O     . HOH D 3 .  ? -5.718  10.037  3.063   1.000 27.369 0 237 HOH A O     1 ? 
HETATM 375 O  O     . HOH D 3 .  ? -6.064  -9.422  -1.662  1.000 29.768 0 238 HOH A O     1 ? 
HETATM 376 O  O     . HOH D 3 .  ? 1.241   10.093  11.291  1.000 29.709 0 239 HOH A O     1 ? 
HETATM 377 O  O     . HOH D 3 .  ? 15.988  -10.463 -15.400 1.000 29.401 0 240 HOH A O     1 ? 
HETATM 378 O  O     . HOH D 3 .  ? -0.739  6.319   4.092   1.000 25.047 0 241 HOH A O     1 ? 
HETATM 379 O  O     . HOH D 3 .  ? -0.022  3.478   4.536   1.000 21.562 0 242 HOH A O     1 ? 
HETATM 380 O  O     . HOH D 3 .  ? 6.727   10.698  5.489   1.000 21.110 0 243 HOH A O     1 ? 
HETATM 381 O  O     . HOH D 3 .  ? -6.009  16.579  4.222   1.000 14.782 0 244 HOH A O     1 ? 
HETATM 382 O  O     . HOH D 3 .  ? 5.422   -7.434  -17.147 0.330 12.150 0 245 HOH A O     1 ? 
HETATM 383 O  O     . HOH D 3 .  ? 4.099   10.270  0.904   1.000 30.768 0 246 HOH A O     1 ? 
HETATM 384 O  O     . HOH D 3 .  ? 3.936   -8.158  -3.521  1.000 25.100 0 247 HOH A O     1 ? 
HETATM 385 O  O     . HOH D 3 .  ? -9.442  12.129  -4.219  1.000 27.637 0 248 HOH A O     1 ? 
HETATM 386 O  O     . HOH D 3 .  ? -12.590 9.081   5.877   1.000 26.458 0 249 HOH A O     1 ? 
HETATM 387 O  O     . HOH D 3 .  ? 3.255   14.677  1.488   1.000 25.379 0 250 HOH A O     1 ? 
HETATM 388 O  O     . HOH D 3 .  ? -6.743  8.494   5.834   1.000 19.587 0 251 HOH A O     1 ? 
HETATM 389 O  O     . HOH D 3 .  ? 4.654   -13.527 -14.254 1.000 15.925 0 252 HOH A O     1 ? 
HETATM 390 O  O     . HOH D 3 .  ? 1.948   -10.395 11.104  1.000 30.744 0 253 HOH A O     1 ? 
HETATM 391 O  O     . HOH D 3 .  ? -10.697 8.499   2.593   1.000 23.210 0 254 HOH A O     1 ? 
HETATM 392 O  O     . HOH D 3 .  ? 5.977   4.173   11.862  0.330 14.902 0 255 HOH A O     1 ? 
HETATM 393 O  O     . HOH D 3 .  ? -11.748 10.358  8.556   1.000 16.866 0 256 HOH A O     1 ? 
HETATM 394 O  O     . HOH D 3 .  ? 6.822   -13.459 -17.194 1.000 22.278 0 257 HOH A O     1 ? 
HETATM 395 O  O     . HOH D 3 .  ? 0.440   -8.093  12.091  1.000 34.649 0 258 HOH A O     1 ? 
HETATM 396 O  O     . HOH D 3 .  ? -10.164 6.795   -0.638  1.000 25.520 0 259 HOH A O     1 ? 
HETATM 397 O  O     . HOH D 3 .  ? -15.294 9.941   10.224  1.000 30.428 0 260 HOH A O     1 ? 
HETATM 398 O  O     . HOH D 3 .  ? -3.460  8.169   4.121   1.000 23.164 0 261 HOH A O     1 ? 
HETATM 399 O  O     . HOH D 3 .  ? -9.883  8.527   -4.259  1.000 28.164 0 262 HOH A O     1 ? 
HETATM 400 O  O     . HOH D 3 .  ? -2.854  16.040  8.199   1.000 27.919 0 263 HOH A O     1 ? 
HETATM 401 O  O     . HOH D 3 .  ? -2.826  14.974  -2.679  1.000 30.760 0 264 HOH A O     1 ? 
HETATM 402 O  O     . HOH D 3 .  ? 7.619   2.379   10.679  0.330 20.190 0 265 HOH A O     1 ? 
HETATM 403 O  O     . HOH D 3 .  ? 2.073   -11.236 -2.059  1.000 36.266 0 266 HOH A O     1 ? 
HETATM 404 O  O     . HOH D 3 .  ? -11.779 13.165  -3.183  1.000 24.366 0 267 HOH A O     1 ? 
HETATM 405 O  O     . HOH D 3 .  ? -4.686  12.123  -3.653  1.000 27.690 0 268 HOH A O     1 ? 
HETATM 406 O  O     . HOH D 3 .  ? 5.086   -11.525 -10.901 1.000 21.034 0 269 HOH A O     1 ? 
HETATM 407 O  O     . HOH D 3 .  ? 7.341   -9.532  -18.531 0.330 11.485 0 270 HOH A O     1 ? 
HETATM 408 O  O     . HOH D 3 .  ? 1.793   -0.738  5.713   1.000 29.073 0 271 HOH A O     1 ? 
HETATM 409 O  O     . HOH D 3 .  ? 6.127   9.489   2.584   1.000 30.818 0 272 HOH A O     1 ? 
HETATM 410 O  O     . HOH D 3 .  ? 14.399  -11.490 -12.319 1.000 20.062 0 273 HOH A O     1 ? 
HETATM 411 O  O     . HOH D 3 .  ? -7.528  8.708   2.057   1.000 24.699 0 274 HOH A O     1 ? 
HETATM 412 O  O     . HOH D 3 .  ? 1.784   -10.808 -4.619  1.000 21.305 0 275 HOH A O     1 ? 
HETATM 413 O  O     . HOH D 3 .  ? 6.339   5.433   4.964   1.000 24.573 0 276 HOH A O     1 ? 
HETATM 414 O  O     . HOH D 3 .  ? 2.648   -4.654  5.654   1.000 21.219 0 277 HOH A O     1 ? 
HETATM 415 O  O     . HOH D 3 .  ? 2.603   -4.931  -14.824 0.330 19.586 0 278 HOH A O     1 ? 
HETATM 416 O  O     . HOH D 3 .  ? -0.628  0.123   3.042   1.000 27.493 0 279 HOH A O     1 ? 
HETATM 417 O  O     . HOH D 3 .  ? 5.964   -5.844  10.736  1.000 32.230 0 280 HOH A O     1 ? 
HETATM 418 O  O     . HOH D 3 .  ? 19.316  -8.786  -16.346 1.000 32.809 0 281 HOH A O     1 ? 
HETATM 419 O  O     . HOH D 3 .  ? 2.106   -8.210  4.306   1.000 34.576 0 282 HOH A O     1 ? 
HETATM 420 O  O     . HOH D 3 .  ? -3.586  -3.576  11.469  1.000 33.143 0 283 HOH A O     1 ? 
HETATM 421 O  O     . HOH D 3 .  ? 9.538   -11.978 -9.493  1.000 15.023 0 284 HOH A O     1 ? 
HETATM 422 O  O     . HOH D 3 .  ? 2.535   4.932   4.877   1.000 27.770 0 285 HOH A O     1 ? 
HETATM 423 O  O     . HOH D 3 .  ? 2.552   -6.133  2.027   1.000 26.611 0 286 HOH A O     1 ? 
HETATM 424 O  O     . HOH D 3 .  ? -13.457 11.272  11.131  1.000 37.245 0 287 HOH A O     1 ? 
HETATM 425 O  O     . HOH D 3 .  ? 4.242   -10.076 -5.788  1.000 19.633 0 288 HOH A O     1 ? 
HETATM 426 O  O     . HOH D 3 .  ? -3.278  17.906  3.140   1.000 29.675 0 289 HOH A O     1 ? 
HETATM 427 O  O     . HOH D 3 .  ? 3.565   6.809   13.601  0.330 56.234 0 290 HOH A O     1 ? 
HETATM 428 O  O     . HOH D 3 .  ? -6.521  -9.491  -4.325  1.000 35.373 0 291 HOH A O     1 ? 
HETATM 429 O  O     . HOH D 3 .  ? -9.867  8.113   8.281   1.000 29.525 0 292 HOH A O     1 ? 
HETATM 430 O  O     . HOH D 3 .  ? 22.393  -8.331  -13.273 1.000 19.611 0 293 HOH A O     1 ? 
HETATM 431 O  O     . HOH D 3 .  ? -5.105  18.733  1.155   1.000 24.447 0 294 HOH A O     1 ? 
HETATM 432 O  O     . HOH D 3 .  ? -4.903  -14.381 -6.223  1.000 30.570 0 295 HOH A O     1 ? 
HETATM 433 O  O     . HOH D 3 .  ? 2.584   1.235   4.426   1.000 37.273 0 296 HOH A O     1 ? 
HETATM 434 O  O     . HOH D 3 .  ? -1.825  7.257   2.134   1.000 30.113 0 297 HOH A O     1 ? 
HETATM 435 O  O     . HOH D 3 .  ? -8.705  6.950   6.146   1.000 13.632 0 298 HOH A O     1 ? 
HETATM 436 O  O     . HOH D 3 .  ? 4.240   -4.918  12.885  1.000 35.421 0 299 HOH A O     1 ? 
HETATM 437 O  O     . HOH D 3 .  ? 3.533   4.515   2.014   1.000 39.977 0 300 HOH A O     1 ? 
HETATM 438 O  O     . HOH D 3 .  ? 4.162   -15.354 -12.230 1.000 27.041 0 301 HOH A O     1 ? 
HETATM 439 O  O     . HOH D 3 .  ? 16.071  -5.152  -16.013 1.000 33.008 0 302 HOH A O     1 ? 
HETATM 440 O  O     . HOH D 3 .  ? -5.571  -14.750 -3.510  1.000 42.585 0 303 HOH A O     1 ? 
HETATM 441 O  O     . HOH D 3 .  ? 1.179   -6.416  13.961  1.000 39.915 0 304 HOH A O     1 ? 
HETATM 442 O  O     . HOH D 3 .  ? -7.857  5.440   -0.987  1.000 41.569 0 305 HOH A O     1 ? 
HETATM 443 O  O     . HOH D 3 .  ? 0.111   5.752   1.657   1.000 31.627 0 306 HOH A O     1 ? 
HETATM 444 O  O     . HOH D 3 .  ? -9.054  6.718   3.904   1.000 29.741 0 307 HOH A O     1 ? 
HETATM 445 O  O     . HOH D 3 .  ? -15.542 4.933   9.432   1.000 43.822 0 308 HOH A O     1 ? 
HETATM 446 O  O     . HOH D 3 .  ? -13.420 7.864   10.656  1.000 37.477 0 309 HOH A O     1 ? 
# 
